data_3FCW
#
_entry.id   3FCW
#
_cell.length_a   80.994
_cell.length_b   152.812
_cell.length_c   186.554
_cell.angle_alpha   90.00
_cell.angle_beta   90.00
_cell.angle_gamma   90.00
#
_symmetry.space_group_name_H-M   'C 2 2 21'
#
loop_
_entity.id
_entity.type
_entity.pdbx_description
1 polymer 'Nucleoside diphosphate kinase'
2 non-polymer 'MAGNESIUM ION'
3 non-polymer "URIDINE-5'-DIPHOSPHATE"
4 water water
#
_entity_poly.entity_id   1
_entity_poly.type   'polypeptide(L)'
_entity_poly.pdbx_seq_one_letter_code
;YKKAGLQRTLVLIKPDAFERSLVAEIMGRIEKKNFKIVSMKFWSKAPRNLIEQHYKEHSEQSYFNDLCDFMVSGPIISIV
YEGTDAISKIRRLQGNILTPGTIRGDLANDIRENLIHASDSEDSAVDEISIWFPETKMETDN
;
_entity_poly.pdbx_strand_id   A,B,C,D,E,F
#
loop_
_chem_comp.id
_chem_comp.type
_chem_comp.name
_chem_comp.formula
MG non-polymer 'MAGNESIUM ION' 'Mg 2'
UDP RNA linking URIDINE-5'-DIPHOSPHATE 'C9 H14 N2 O12 P2'
#
# COMPACT_ATOMS: atom_id res chain seq x y z
N GLY A 5 32.54 12.08 -4.58
CA GLY A 5 33.53 11.01 -4.48
C GLY A 5 34.85 11.37 -5.12
N LEU A 6 35.28 12.62 -4.90
CA LEU A 6 36.48 13.18 -5.52
C LEU A 6 37.76 12.47 -5.10
N GLN A 7 38.52 11.98 -6.07
CA GLN A 7 39.77 11.30 -5.77
C GLN A 7 40.94 11.88 -6.55
N ARG A 8 42.14 11.43 -6.17
CA ARG A 8 43.36 11.70 -6.91
C ARG A 8 44.12 10.41 -7.18
N THR A 9 44.61 10.27 -8.40
CA THR A 9 45.34 9.08 -8.78
C THR A 9 46.62 9.42 -9.55
N LEU A 10 47.58 8.50 -9.57
CA LEU A 10 48.82 8.74 -10.28
C LEU A 10 48.95 7.93 -11.56
N VAL A 11 49.23 8.61 -12.66
CA VAL A 11 49.38 7.94 -13.95
C VAL A 11 50.78 8.14 -14.45
N LEU A 12 51.43 7.07 -14.87
CA LEU A 12 52.66 7.22 -15.66
C LEU A 12 52.41 6.95 -17.16
N ILE A 13 52.89 7.85 -18.02
CA ILE A 13 52.97 7.54 -19.43
C ILE A 13 54.33 6.93 -19.63
N LYS A 14 54.36 5.70 -20.13
CA LYS A 14 55.60 4.94 -20.20
C LYS A 14 56.39 5.27 -21.48
N PRO A 15 57.69 4.90 -21.50
CA PRO A 15 58.56 5.25 -22.63
C PRO A 15 58.10 4.72 -24.00
N ASP A 16 57.35 3.62 -24.05
CA ASP A 16 56.87 3.13 -25.34
C ASP A 16 55.83 4.08 -25.96
N ALA A 17 55.17 4.88 -25.12
CA ALA A 17 54.21 5.87 -25.60
C ALA A 17 54.94 6.92 -26.41
N PHE A 18 56.12 7.32 -25.93
CA PHE A 18 56.91 8.32 -26.64
C PHE A 18 57.49 7.75 -27.91
N GLU A 19 58.03 6.54 -27.80
CA GLU A 19 58.60 5.85 -28.95
C GLU A 19 57.58 5.76 -30.08
N ARG A 20 56.34 5.43 -29.73
CA ARG A 20 55.29 5.21 -30.72
C ARG A 20 54.41 6.44 -30.98
N SER A 21 54.78 7.58 -30.41
CA SER A 21 54.00 8.81 -30.59
C SER A 21 52.50 8.70 -30.20
N LEU A 22 52.23 8.11 -29.04
CA LEU A 22 50.86 7.93 -28.56
C LEU A 22 50.58 8.73 -27.30
N VAL A 23 51.44 9.69 -26.98
CA VAL A 23 51.29 10.40 -25.73
C VAL A 23 49.96 11.15 -25.66
N ALA A 24 49.68 11.98 -26.66
CA ALA A 24 48.41 12.68 -26.72
C ALA A 24 47.20 11.74 -26.79
N GLU A 25 47.31 10.65 -27.57
CA GLU A 25 46.22 9.70 -27.66
C GLU A 25 45.80 9.16 -26.27
N ILE A 26 46.80 8.90 -25.43
CA ILE A 26 46.55 8.36 -24.11
C ILE A 26 45.96 9.43 -23.16
N MET A 27 46.65 10.56 -23.07
CA MET A 27 46.15 11.68 -22.28
C MET A 27 44.74 12.11 -22.73
N GLY A 28 44.46 11.93 -24.01
CA GLY A 28 43.20 12.37 -24.59
C GLY A 28 42.03 11.53 -24.14
N ARG A 29 42.24 10.22 -24.03
CA ARG A 29 41.20 9.33 -23.51
C ARG A 29 40.83 9.69 -22.07
N ILE A 30 41.83 10.04 -21.26
CA ILE A 30 41.56 10.40 -19.88
C ILE A 30 40.91 11.78 -19.81
N GLU A 31 41.31 12.68 -20.69
CA GLU A 31 40.69 14.01 -20.78
C GLU A 31 39.21 13.95 -21.22
N LYS A 32 38.91 13.11 -22.20
CA LYS A 32 37.55 12.95 -22.72
C LYS A 32 36.58 12.41 -21.64
N LYS A 33 37.11 11.69 -20.65
CA LYS A 33 36.24 11.14 -19.62
C LYS A 33 36.08 12.11 -18.44
N ASN A 34 36.58 13.33 -18.61
CA ASN A 34 36.40 14.44 -17.69
C ASN A 34 37.30 14.47 -16.47
N PHE A 35 38.46 13.81 -16.54
CA PHE A 35 39.45 13.93 -15.49
C PHE A 35 40.39 15.10 -15.75
N LYS A 36 40.81 15.75 -14.67
CA LYS A 36 41.56 17.00 -14.74
C LYS A 36 42.99 16.82 -14.22
N ILE A 37 43.96 17.39 -14.94
CA ILE A 37 45.33 17.35 -14.47
C ILE A 37 45.54 18.26 -13.28
N VAL A 38 46.11 17.71 -12.22
CA VAL A 38 46.37 18.46 -11.01
C VAL A 38 47.86 18.79 -10.87
N SER A 39 48.72 17.83 -11.18
CA SER A 39 50.16 18.08 -11.35
C SER A 39 50.64 17.26 -12.53
N MET A 40 51.71 17.71 -13.16
CA MET A 40 52.31 16.97 -14.25
C MET A 40 53.81 17.25 -14.32
N LYS A 41 54.57 16.29 -14.78
CA LYS A 41 56.02 16.36 -14.73
C LYS A 41 56.57 15.55 -15.87
N PHE A 42 57.42 16.17 -16.68
CA PHE A 42 58.10 15.46 -17.75
C PHE A 42 59.49 15.02 -17.30
N TRP A 43 59.80 13.73 -17.49
CA TRP A 43 61.12 13.21 -17.16
C TRP A 43 61.77 12.66 -18.42
N SER A 44 62.83 13.29 -18.92
CA SER A 44 63.50 12.78 -20.13
C SER A 44 64.11 11.42 -19.87
N LYS A 45 64.56 11.23 -18.63
CA LYS A 45 64.96 9.93 -18.12
C LYS A 45 64.71 9.96 -16.62
N ALA A 46 63.98 8.99 -16.10
CA ALA A 46 63.64 9.00 -14.67
C ALA A 46 64.79 8.40 -13.87
N PRO A 47 65.05 8.96 -12.67
CA PRO A 47 66.06 8.34 -11.79
C PRO A 47 65.63 6.93 -11.44
N ARG A 48 66.51 5.96 -11.65
CA ARG A 48 66.19 4.57 -11.35
C ARG A 48 65.70 4.43 -9.91
N ASN A 49 66.20 5.27 -9.03
CA ASN A 49 65.70 5.32 -7.66
C ASN A 49 64.17 5.40 -7.66
N LEU A 50 63.63 6.45 -8.29
CA LEU A 50 62.19 6.66 -8.30
C LEU A 50 61.43 5.50 -8.92
N ILE A 51 61.97 4.95 -10.00
CA ILE A 51 61.34 3.80 -10.64
C ILE A 51 61.29 2.60 -9.70
N GLU A 52 62.38 2.37 -8.98
CA GLU A 52 62.46 1.22 -8.09
C GLU A 52 61.52 1.39 -6.88
N GLN A 53 61.40 2.63 -6.42
CA GLN A 53 60.41 2.94 -5.38
C GLN A 53 59.01 2.64 -5.90
N HIS A 54 58.66 3.30 -7.01
CA HIS A 54 57.35 3.15 -7.64
C HIS A 54 56.98 1.68 -7.82
N TYR A 55 57.97 0.88 -8.17
CA TYR A 55 57.74 -0.54 -8.38
C TYR A 55 58.29 -1.43 -7.25
N LYS A 56 58.40 -0.86 -6.06
CA LYS A 56 58.94 -1.58 -4.90
C LYS A 56 58.21 -2.89 -4.66
N GLU A 57 56.88 -2.86 -4.73
CA GLU A 57 56.08 -4.05 -4.48
C GLU A 57 56.45 -5.21 -5.42
N HIS A 58 57.13 -4.89 -6.52
CA HIS A 58 57.51 -5.90 -7.51
C HIS A 58 58.99 -6.28 -7.40
N SER A 59 59.66 -5.84 -6.34
CA SER A 59 61.13 -5.95 -6.29
C SER A 59 61.66 -7.38 -6.34
N GLU A 60 60.83 -8.35 -6.00
CA GLU A 60 61.25 -9.76 -6.01
C GLU A 60 60.73 -10.61 -7.18
N GLN A 61 60.42 -9.96 -8.30
CA GLN A 61 59.86 -10.67 -9.46
C GLN A 61 60.89 -10.86 -10.57
N SER A 62 60.67 -11.89 -11.38
CA SER A 62 61.53 -12.14 -12.53
C SER A 62 61.70 -10.89 -13.38
N TYR A 63 60.58 -10.24 -13.71
CA TYR A 63 60.58 -9.12 -14.65
C TYR A 63 61.08 -7.82 -14.04
N PHE A 64 61.41 -7.83 -12.76
CA PHE A 64 61.70 -6.58 -12.04
C PHE A 64 62.77 -5.70 -12.69
N ASN A 65 63.89 -6.29 -13.10
CA ASN A 65 64.97 -5.48 -13.67
C ASN A 65 64.76 -5.10 -15.13
N ASP A 66 64.14 -5.99 -15.90
CA ASP A 66 63.77 -5.66 -17.27
C ASP A 66 62.81 -4.46 -17.28
N LEU A 67 61.89 -4.47 -16.33
CA LEU A 67 60.87 -3.43 -16.24
C LEU A 67 61.51 -2.11 -15.88
N CYS A 68 62.45 -2.15 -14.93
CA CYS A 68 63.19 -0.95 -14.55
C CYS A 68 64.06 -0.45 -15.70
N ASP A 69 64.69 -1.37 -16.41
CA ASP A 69 65.48 -1.01 -17.57
C ASP A 69 64.63 -0.22 -18.59
N PHE A 70 63.51 -0.81 -18.98
CA PHE A 70 62.54 -0.19 -19.88
C PHE A 70 62.07 1.17 -19.37
N MET A 71 61.71 1.22 -18.08
CA MET A 71 61.22 2.47 -17.50
C MET A 71 62.22 3.61 -17.57
N VAL A 72 63.51 3.30 -17.72
CA VAL A 72 64.50 4.35 -17.86
C VAL A 72 65.07 4.45 -19.27
N SER A 73 64.50 3.68 -20.19
CA SER A 73 65.01 3.64 -21.56
C SER A 73 64.59 4.83 -22.39
N GLY A 74 63.73 5.68 -21.83
CA GLY A 74 63.25 6.85 -22.55
C GLY A 74 62.38 7.70 -21.64
N PRO A 75 61.81 8.79 -22.16
CA PRO A 75 61.04 9.71 -21.33
C PRO A 75 59.83 9.05 -20.68
N ILE A 76 59.33 9.68 -19.61
CA ILE A 76 58.03 9.35 -19.07
C ILE A 76 57.38 10.62 -18.51
N ILE A 77 56.06 10.60 -18.43
CA ILE A 77 55.35 11.70 -17.83
C ILE A 77 54.63 11.15 -16.62
N SER A 78 54.73 11.85 -15.50
CA SER A 78 53.98 11.48 -14.32
C SER A 78 52.88 12.51 -14.14
N ILE A 79 51.65 12.05 -14.04
CA ILE A 79 50.52 12.95 -13.93
C ILE A 79 49.69 12.57 -12.71
N VAL A 80 49.26 13.57 -11.95
CA VAL A 80 48.23 13.35 -10.96
C VAL A 80 46.91 13.79 -11.56
N TYR A 81 45.94 12.90 -11.63
CA TYR A 81 44.62 13.24 -12.14
C TYR A 81 43.61 13.36 -11.01
N GLU A 82 42.53 14.09 -11.26
CA GLU A 82 41.50 14.29 -10.26
C GLU A 82 40.10 14.34 -10.85
N GLY A 83 39.14 13.76 -10.12
CA GLY A 83 37.77 13.74 -10.58
C GLY A 83 37.05 12.63 -9.84
N THR A 84 35.72 12.60 -9.98
CA THR A 84 34.92 11.61 -9.25
C THR A 84 35.45 10.21 -9.48
N ASP A 85 35.79 9.51 -8.41
CA ASP A 85 36.10 8.09 -8.54
C ASP A 85 37.30 7.87 -9.46
N ALA A 86 38.28 8.77 -9.37
CA ALA A 86 39.40 8.79 -10.31
C ALA A 86 40.22 7.50 -10.39
N ILE A 87 40.55 6.92 -9.25
CA ILE A 87 41.47 5.78 -9.22
C ILE A 87 40.92 4.58 -9.99
N SER A 88 39.68 4.23 -9.70
CA SER A 88 39.07 3.07 -10.31
C SER A 88 38.75 3.32 -11.78
N LYS A 89 38.16 4.47 -12.08
CA LYS A 89 37.79 4.78 -13.46
C LYS A 89 39.02 4.86 -14.37
N ILE A 90 40.08 5.52 -13.93
CA ILE A 90 41.27 5.62 -14.76
C ILE A 90 41.93 4.24 -14.92
N ARG A 91 41.84 3.40 -13.89
CA ARG A 91 42.25 2.00 -14.03
C ARG A 91 41.48 1.23 -15.11
N ARG A 92 40.16 1.41 -15.17
CA ARG A 92 39.36 0.77 -16.21
C ARG A 92 39.75 1.33 -17.58
N LEU A 93 39.94 2.63 -17.64
CA LEU A 93 40.37 3.25 -18.87
C LEU A 93 41.67 2.60 -19.36
N GLN A 94 42.60 2.34 -18.45
CA GLN A 94 43.87 1.70 -18.81
C GLN A 94 43.64 0.30 -19.31
N GLY A 95 42.80 -0.46 -18.60
CA GLY A 95 42.40 -1.79 -19.04
C GLY A 95 43.58 -2.73 -19.24
N ASN A 96 43.48 -3.61 -20.22
CA ASN A 96 44.56 -4.56 -20.50
C ASN A 96 44.62 -4.94 -21.96
N ILE A 97 45.71 -5.57 -22.36
CA ILE A 97 45.95 -5.80 -23.78
C ILE A 97 44.93 -6.78 -24.37
N LEU A 98 44.07 -7.34 -23.52
CA LEU A 98 43.07 -8.28 -23.99
C LEU A 98 41.72 -7.65 -24.32
N THR A 99 41.37 -6.57 -23.64
CA THR A 99 40.05 -5.95 -23.81
C THR A 99 40.05 -4.66 -24.65
N PRO A 100 39.60 -4.73 -25.91
CA PRO A 100 39.50 -3.54 -26.75
C PRO A 100 38.51 -2.54 -26.14
N GLY A 101 38.74 -1.26 -26.40
CA GLY A 101 37.95 -0.22 -25.77
C GLY A 101 38.76 0.56 -24.74
N THR A 102 39.79 -0.07 -24.19
CA THR A 102 40.66 0.58 -23.22
C THR A 102 41.98 1.00 -23.87
N ILE A 103 42.80 1.75 -23.15
CA ILE A 103 44.07 2.23 -23.69
C ILE A 103 44.98 1.08 -24.10
N ARG A 104 45.21 0.14 -23.19
CA ARG A 104 46.01 -1.04 -23.51
C ARG A 104 45.31 -1.96 -24.52
N GLY A 105 43.99 -2.05 -24.42
CA GLY A 105 43.22 -2.88 -25.32
C GLY A 105 43.32 -2.46 -26.78
N ASP A 106 43.33 -1.16 -27.02
CA ASP A 106 43.35 -0.66 -28.39
C ASP A 106 44.76 -0.49 -28.92
N LEU A 107 45.69 -0.19 -28.03
CA LEU A 107 46.95 0.39 -28.47
C LEU A 107 48.20 -0.45 -28.15
N ALA A 108 48.12 -1.35 -27.18
CA ALA A 108 49.29 -2.09 -26.72
C ALA A 108 49.20 -3.61 -26.90
N ASN A 109 50.35 -4.26 -26.96
CA ASN A 109 50.38 -5.68 -27.27
C ASN A 109 51.50 -6.46 -26.57
N ASP A 110 51.83 -6.08 -25.34
CA ASP A 110 53.01 -6.63 -24.68
C ASP A 110 52.82 -6.69 -23.16
N ILE A 111 53.47 -7.63 -22.49
CA ILE A 111 53.39 -7.72 -21.03
C ILE A 111 54.19 -6.63 -20.34
N ARG A 112 55.19 -6.09 -21.02
CA ARG A 112 56.06 -5.10 -20.40
C ARG A 112 55.81 -3.70 -20.96
N GLU A 113 55.92 -3.55 -22.29
CA GLU A 113 55.69 -2.26 -22.93
C GLU A 113 54.21 -2.05 -23.14
N ASN A 114 53.56 -1.46 -22.16
CA ASN A 114 52.11 -1.29 -22.21
C ASN A 114 51.62 0.14 -22.01
N LEU A 115 52.47 1.10 -22.40
CA LEU A 115 52.08 2.50 -22.54
C LEU A 115 51.83 3.29 -21.26
N ILE A 116 51.19 2.68 -20.26
CA ILE A 116 50.66 3.46 -19.15
C ILE A 116 50.61 2.71 -17.83
N HIS A 117 50.80 3.46 -16.74
CA HIS A 117 50.53 2.98 -15.39
C HIS A 117 49.49 3.85 -14.70
N ALA A 118 48.61 3.20 -13.95
CA ALA A 118 47.64 3.93 -13.13
C ALA A 118 47.55 3.28 -11.75
N SER A 119 47.47 4.10 -10.72
CA SER A 119 47.34 3.59 -9.35
C SER A 119 46.15 2.67 -9.26
N ASP A 120 46.24 1.63 -8.45
CA ASP A 120 45.17 0.67 -8.35
C ASP A 120 44.40 0.70 -7.04
N SER A 121 44.86 1.47 -6.07
CA SER A 121 44.14 1.57 -4.81
C SER A 121 44.28 2.96 -4.20
N GLU A 122 43.45 3.27 -3.22
CA GLU A 122 43.56 4.53 -2.49
C GLU A 122 44.92 4.68 -1.83
N ASP A 123 45.46 3.55 -1.37
CA ASP A 123 46.75 3.53 -0.68
C ASP A 123 47.94 3.65 -1.61
N SER A 124 47.92 2.92 -2.72
CA SER A 124 49.02 3.03 -3.69
C SER A 124 48.99 4.37 -4.41
N ALA A 125 47.82 4.99 -4.50
CA ALA A 125 47.72 6.33 -5.08
C ALA A 125 48.44 7.35 -4.19
N VAL A 126 48.08 7.37 -2.91
CA VAL A 126 48.71 8.30 -1.97
C VAL A 126 50.21 8.08 -1.97
N ASP A 127 50.63 6.82 -1.98
CA ASP A 127 52.04 6.51 -1.92
C ASP A 127 52.78 6.91 -3.19
N GLU A 128 52.19 6.61 -4.34
CA GLU A 128 52.83 6.89 -5.63
C GLU A 128 52.88 8.39 -5.92
N ILE A 129 51.80 9.08 -5.63
CA ILE A 129 51.79 10.53 -5.74
C ILE A 129 52.97 11.12 -4.95
N SER A 130 53.22 10.56 -3.77
CA SER A 130 54.29 11.06 -2.90
C SER A 130 55.69 10.76 -3.47
N ILE A 131 55.81 9.64 -4.17
CA ILE A 131 57.05 9.32 -4.86
C ILE A 131 57.34 10.37 -5.93
N TRP A 132 56.32 10.68 -6.74
CA TRP A 132 56.48 11.51 -7.94
C TRP A 132 56.32 13.01 -7.68
N PHE A 133 55.55 13.34 -6.66
CA PHE A 133 55.33 14.74 -6.32
C PHE A 133 55.50 14.95 -4.82
N PRO A 134 56.74 14.70 -4.33
CA PRO A 134 57.12 14.76 -2.92
C PRO A 134 56.74 16.11 -2.32
N GLU A 135 56.92 17.18 -3.09
CA GLU A 135 56.48 18.49 -2.65
C GLU A 135 54.99 18.43 -2.36
N LEU B 6 -29.76 -25.20 25.21
CA LEU B 6 -31.13 -25.20 24.69
C LEU B 6 -32.12 -25.77 25.70
N GLN B 7 -32.61 -24.94 26.61
CA GLN B 7 -33.47 -25.41 27.70
C GLN B 7 -34.97 -25.32 27.38
N ARG B 8 -35.77 -25.81 28.31
CA ARG B 8 -37.23 -25.69 28.25
C ARG B 8 -37.62 -25.03 29.56
N THR B 9 -38.61 -24.14 29.52
CA THR B 9 -39.03 -23.47 30.75
C THR B 9 -40.54 -23.30 30.86
N LEU B 10 -41.01 -23.20 32.09
CA LEU B 10 -42.43 -23.00 32.30
C LEU B 10 -42.76 -21.56 32.66
N VAL B 11 -43.77 -21.03 31.98
CA VAL B 11 -44.22 -19.68 32.25
C VAL B 11 -45.70 -19.66 32.58
N LEU B 12 -46.03 -18.99 33.68
CA LEU B 12 -47.42 -18.75 34.02
C LEU B 12 -47.80 -17.31 33.66
N ILE B 13 -48.91 -17.15 32.96
CA ILE B 13 -49.47 -15.83 32.75
C ILE B 13 -50.65 -15.66 33.70
N LYS B 14 -50.47 -14.79 34.69
CA LYS B 14 -51.36 -14.66 35.83
C LYS B 14 -52.69 -13.93 35.53
N PRO B 15 -53.66 -14.02 36.45
CA PRO B 15 -54.97 -13.46 36.09
C PRO B 15 -55.01 -11.93 36.01
N ASP B 16 -53.99 -11.22 36.49
CA ASP B 16 -53.97 -9.77 36.33
C ASP B 16 -53.72 -9.39 34.87
N ALA B 17 -52.99 -10.24 34.15
CA ALA B 17 -52.69 -9.98 32.75
C ALA B 17 -53.95 -10.03 31.90
N PHE B 18 -54.90 -10.87 32.27
CA PHE B 18 -56.13 -10.95 31.49
C PHE B 18 -57.01 -9.75 31.81
N GLU B 19 -56.94 -9.36 33.08
CA GLU B 19 -57.71 -8.27 33.60
C GLU B 19 -57.31 -6.95 32.93
N ARG B 20 -56.00 -6.70 32.88
CA ARG B 20 -55.44 -5.50 32.24
C ARG B 20 -55.16 -5.66 30.73
N SER B 21 -55.51 -6.82 30.18
CA SER B 21 -55.29 -7.06 28.75
C SER B 21 -53.82 -6.95 28.32
N LEU B 22 -52.93 -7.59 29.08
CA LEU B 22 -51.50 -7.54 28.82
C LEU B 22 -50.97 -8.91 28.39
N VAL B 23 -51.86 -9.82 28.03
CA VAL B 23 -51.47 -11.18 27.63
C VAL B 23 -50.55 -11.19 26.42
N ALA B 24 -51.01 -10.58 25.34
CA ALA B 24 -50.24 -10.52 24.10
C ALA B 24 -48.96 -9.74 24.31
N GLU B 25 -49.05 -8.71 25.15
CA GLU B 25 -47.88 -7.89 25.44
C GLU B 25 -46.77 -8.75 26.02
N ILE B 26 -47.13 -9.57 27.01
CA ILE B 26 -46.16 -10.37 27.73
C ILE B 26 -45.61 -11.50 26.87
N MET B 27 -46.49 -12.17 26.13
CA MET B 27 -46.05 -13.22 25.24
C MET B 27 -45.23 -12.67 24.08
N GLY B 28 -45.63 -11.52 23.58
CA GLY B 28 -44.92 -10.85 22.51
C GLY B 28 -43.48 -10.53 22.88
N ARG B 29 -43.23 -10.27 24.16
CA ARG B 29 -41.88 -9.94 24.59
C ARG B 29 -40.97 -11.16 24.56
N ILE B 30 -41.54 -12.31 24.90
CA ILE B 30 -40.76 -13.52 24.96
C ILE B 30 -40.50 -14.00 23.55
N GLU B 31 -41.52 -13.90 22.71
CA GLU B 31 -41.44 -14.29 21.31
C GLU B 31 -40.35 -13.48 20.61
N LYS B 32 -40.33 -12.19 20.89
CA LYS B 32 -39.42 -11.28 20.22
C LYS B 32 -37.97 -11.60 20.53
N LYS B 33 -37.70 -12.23 21.67
CA LYS B 33 -36.33 -12.61 22.01
C LYS B 33 -36.02 -13.99 21.42
N ASN B 34 -36.94 -14.47 20.58
CA ASN B 34 -36.79 -15.68 19.81
C ASN B 34 -36.92 -16.99 20.61
N PHE B 35 -37.77 -16.99 21.64
CA PHE B 35 -38.10 -18.24 22.31
C PHE B 35 -39.35 -18.82 21.68
N LYS B 36 -39.49 -20.14 21.70
CA LYS B 36 -40.59 -20.76 20.97
C LYS B 36 -41.54 -21.50 21.89
N ILE B 37 -42.81 -21.45 21.54
CA ILE B 37 -43.86 -22.13 22.28
C ILE B 37 -43.81 -23.64 22.04
N VAL B 38 -43.39 -24.40 23.05
CA VAL B 38 -43.42 -25.87 22.98
C VAL B 38 -44.84 -26.43 23.20
N SER B 39 -45.42 -26.12 24.36
CA SER B 39 -46.84 -26.40 24.60
C SER B 39 -47.48 -25.32 25.46
N MET B 40 -48.80 -25.25 25.44
CA MET B 40 -49.52 -24.13 26.05
C MET B 40 -50.98 -24.44 26.37
N LYS B 41 -51.38 -24.16 27.61
CA LYS B 41 -52.74 -24.45 28.10
C LYS B 41 -53.45 -23.22 28.63
N PHE B 42 -54.69 -22.98 28.19
CA PHE B 42 -55.48 -21.89 28.73
C PHE B 42 -56.49 -22.36 29.78
N TRP B 43 -56.21 -22.08 31.05
CA TRP B 43 -57.11 -22.42 32.14
C TRP B 43 -58.05 -21.27 32.49
N SER B 44 -59.32 -21.37 32.13
CA SER B 44 -60.28 -20.31 32.45
C SER B 44 -60.36 -20.08 33.97
N LYS B 45 -60.10 -21.14 34.72
CA LYS B 45 -59.89 -21.04 36.17
C LYS B 45 -59.06 -22.23 36.58
N ALA B 46 -57.90 -21.99 37.17
CA ALA B 46 -56.95 -23.05 37.43
C ALA B 46 -57.29 -23.88 38.67
N PRO B 47 -57.64 -25.17 38.47
CA PRO B 47 -57.78 -26.14 39.55
C PRO B 47 -56.88 -25.77 40.72
N ARG B 48 -57.47 -25.48 41.88
CA ARG B 48 -56.71 -24.97 43.00
C ARG B 48 -55.61 -25.93 43.47
N ASN B 49 -55.75 -27.21 43.17
CA ASN B 49 -54.69 -28.15 43.54
C ASN B 49 -53.45 -27.95 42.68
N LEU B 50 -53.64 -27.78 41.37
CA LEU B 50 -52.55 -27.45 40.45
C LEU B 50 -51.76 -26.25 40.95
N ILE B 51 -52.48 -25.20 41.34
CA ILE B 51 -51.86 -23.97 41.84
C ILE B 51 -51.13 -24.22 43.15
N GLU B 52 -51.83 -24.90 44.05
CA GLU B 52 -51.29 -25.22 45.36
C GLU B 52 -50.02 -26.05 45.17
N GLN B 53 -50.11 -27.00 44.24
CA GLN B 53 -48.94 -27.75 43.77
C GLN B 53 -47.80 -26.81 43.39
N HIS B 54 -48.04 -25.99 42.37
CA HIS B 54 -47.05 -25.06 41.82
C HIS B 54 -46.31 -24.27 42.90
N TYR B 55 -47.05 -23.62 43.79
CA TYR B 55 -46.41 -22.75 44.76
C TYR B 55 -45.99 -23.47 46.04
N LYS B 56 -46.31 -24.76 46.08
CA LYS B 56 -45.68 -25.76 46.94
C LYS B 56 -44.62 -25.23 47.92
N GLU B 57 -43.53 -24.73 47.39
CA GLU B 57 -42.39 -24.28 48.19
C GLU B 57 -42.74 -23.05 49.02
N HIS B 58 -43.96 -22.57 48.86
CA HIS B 58 -44.41 -21.36 49.54
C HIS B 58 -45.46 -21.62 50.61
N SER B 59 -45.98 -22.85 50.65
CA SER B 59 -47.12 -23.18 51.51
C SER B 59 -46.95 -22.78 52.98
N GLU B 60 -45.70 -22.53 53.38
CA GLU B 60 -45.42 -22.11 54.75
C GLU B 60 -45.25 -20.59 54.87
N GLN B 61 -45.70 -19.88 53.84
CA GLN B 61 -45.63 -18.42 53.84
C GLN B 61 -47.00 -17.81 54.10
N SER B 62 -47.02 -16.66 54.77
CA SER B 62 -48.27 -15.98 55.11
C SER B 62 -49.09 -15.64 53.87
N TYR B 63 -48.41 -15.30 52.78
CA TYR B 63 -49.13 -14.90 51.57
C TYR B 63 -49.68 -16.09 50.80
N PHE B 64 -49.34 -17.30 51.24
CA PHE B 64 -49.69 -18.49 50.48
C PHE B 64 -51.17 -18.54 50.11
N ASN B 65 -52.05 -18.34 51.09
CA ASN B 65 -53.49 -18.41 50.85
C ASN B 65 -54.02 -17.27 50.00
N ASP B 66 -53.49 -16.08 50.23
CA ASP B 66 -53.86 -14.92 49.42
C ASP B 66 -53.37 -15.11 47.98
N LEU B 67 -52.08 -15.40 47.86
CA LEU B 67 -51.45 -15.67 46.58
C LEU B 67 -52.26 -16.71 45.81
N CYS B 68 -52.65 -17.78 46.48
CA CYS B 68 -53.43 -18.82 45.82
C CYS B 68 -54.82 -18.32 45.42
N ASP B 69 -55.46 -17.57 46.30
CA ASP B 69 -56.77 -16.99 45.99
C ASP B 69 -56.65 -16.07 44.77
N PHE B 70 -55.56 -15.33 44.69
CA PHE B 70 -55.26 -14.51 43.52
C PHE B 70 -55.13 -15.35 42.25
N MET B 71 -54.28 -16.38 42.33
CA MET B 71 -54.02 -17.26 41.19
C MET B 71 -55.26 -17.97 40.68
N VAL B 72 -56.34 -17.93 41.45
CA VAL B 72 -57.58 -18.55 40.99
C VAL B 72 -58.70 -17.53 40.68
N SER B 73 -58.38 -16.24 40.80
CA SER B 73 -59.38 -15.17 40.60
C SER B 73 -59.78 -14.94 39.16
N GLY B 74 -59.01 -15.48 38.21
CA GLY B 74 -59.31 -15.34 36.81
C GLY B 74 -58.50 -16.35 36.00
N PRO B 75 -58.61 -16.30 34.66
CA PRO B 75 -57.91 -17.28 33.84
C PRO B 75 -56.42 -17.21 34.06
N ILE B 76 -55.69 -18.29 33.75
CA ILE B 76 -54.26 -18.18 33.54
C ILE B 76 -53.90 -18.92 32.28
N ILE B 77 -52.66 -18.75 31.84
CA ILE B 77 -52.13 -19.51 30.70
C ILE B 77 -50.82 -20.14 31.09
N SER B 78 -50.67 -21.43 30.80
CA SER B 78 -49.45 -22.16 31.10
C SER B 78 -48.69 -22.39 29.82
N ILE B 79 -47.41 -22.09 29.81
CA ILE B 79 -46.62 -22.21 28.59
C ILE B 79 -45.26 -22.81 28.86
N VAL B 80 -44.86 -23.72 27.98
CA VAL B 80 -43.48 -24.21 27.93
C VAL B 80 -42.77 -23.50 26.78
N TYR B 81 -41.62 -22.89 27.07
CA TYR B 81 -40.86 -22.19 26.03
C TYR B 81 -39.54 -22.89 25.77
N GLU B 82 -39.16 -23.00 24.50
CA GLU B 82 -37.87 -23.59 24.14
C GLU B 82 -36.91 -22.60 23.48
N GLY B 83 -35.65 -22.65 23.90
CA GLY B 83 -34.63 -21.80 23.32
C GLY B 83 -33.35 -21.88 24.10
N THR B 84 -32.36 -21.09 23.71
CA THR B 84 -31.04 -21.18 24.30
C THR B 84 -30.98 -20.48 25.65
N ASP B 85 -30.64 -21.23 26.70
CA ASP B 85 -30.50 -20.63 28.01
C ASP B 85 -31.87 -20.08 28.46
N ALA B 86 -32.93 -20.73 27.97
CA ALA B 86 -34.30 -20.27 28.18
C ALA B 86 -34.63 -19.95 29.65
N ILE B 87 -34.41 -20.91 30.55
CA ILE B 87 -34.68 -20.70 31.96
C ILE B 87 -34.17 -19.34 32.43
N SER B 88 -32.85 -19.16 32.40
CA SER B 88 -32.25 -17.92 32.86
C SER B 88 -32.73 -16.69 32.09
N LYS B 89 -32.67 -16.75 30.77
CA LYS B 89 -33.02 -15.61 29.92
C LYS B 89 -34.46 -15.13 30.15
N ILE B 90 -35.42 -16.04 30.12
CA ILE B 90 -36.82 -15.70 30.35
C ILE B 90 -37.01 -15.17 31.77
N ARG B 91 -36.15 -15.60 32.68
CA ARG B 91 -36.14 -15.08 34.04
C ARG B 91 -35.79 -13.61 34.05
N ARG B 92 -34.78 -13.23 33.26
CA ARG B 92 -34.34 -11.84 33.18
C ARG B 92 -35.38 -11.00 32.47
N LEU B 93 -35.97 -11.56 31.44
CA LEU B 93 -37.06 -10.93 30.72
C LEU B 93 -38.19 -10.60 31.71
N GLN B 94 -38.48 -11.55 32.60
CA GLN B 94 -39.48 -11.37 33.64
C GLN B 94 -39.08 -10.24 34.58
N GLY B 95 -37.85 -10.30 35.09
CA GLY B 95 -37.31 -9.25 35.92
C GLY B 95 -38.07 -9.02 37.23
N ASN B 96 -38.03 -7.77 37.70
CA ASN B 96 -38.80 -7.37 38.87
C ASN B 96 -39.37 -5.95 38.72
N ILE B 97 -40.24 -5.57 39.64
CA ILE B 97 -40.94 -4.30 39.54
C ILE B 97 -40.01 -3.10 39.69
N LEU B 98 -38.75 -3.34 39.98
CA LEU B 98 -37.79 -2.26 40.17
C LEU B 98 -36.86 -2.06 38.96
N THR B 99 -36.97 -2.94 37.96
CA THR B 99 -36.10 -2.89 36.78
C THR B 99 -36.84 -2.58 35.49
N PRO B 100 -36.82 -1.31 35.06
CA PRO B 100 -37.43 -1.02 33.75
C PRO B 100 -36.70 -1.78 32.64
N GLY B 101 -37.39 -2.09 31.55
CA GLY B 101 -36.82 -2.94 30.52
C GLY B 101 -37.32 -4.38 30.59
N THR B 102 -37.78 -4.80 31.77
CA THR B 102 -38.38 -6.12 31.96
C THR B 102 -39.91 -6.10 31.93
N ILE B 103 -40.52 -7.28 31.82
CA ILE B 103 -41.96 -7.42 31.85
C ILE B 103 -42.52 -6.81 33.12
N ARG B 104 -42.00 -7.22 34.26
CA ARG B 104 -42.48 -6.71 35.54
C ARG B 104 -42.11 -5.25 35.72
N GLY B 105 -40.88 -4.91 35.41
CA GLY B 105 -40.37 -3.55 35.51
C GLY B 105 -41.11 -2.50 34.70
N ASP B 106 -41.68 -2.91 33.57
CA ASP B 106 -42.43 -1.97 32.75
C ASP B 106 -43.93 -2.01 33.01
N LEU B 107 -44.45 -3.13 33.50
CA LEU B 107 -45.91 -3.33 33.46
C LEU B 107 -46.59 -3.64 34.78
N ALA B 108 -45.80 -3.85 35.82
CA ALA B 108 -46.35 -4.25 37.12
C ALA B 108 -45.85 -3.41 38.29
N ASN B 109 -46.62 -3.35 39.36
CA ASN B 109 -46.32 -2.46 40.46
C ASN B 109 -46.76 -3.02 41.81
N ASP B 110 -46.73 -4.34 41.96
CA ASP B 110 -47.28 -4.97 43.14
C ASP B 110 -46.48 -6.23 43.44
N ILE B 111 -46.32 -6.58 44.71
CA ILE B 111 -45.58 -7.78 45.07
C ILE B 111 -46.38 -9.07 44.90
N ARG B 112 -47.69 -8.97 44.79
CA ARG B 112 -48.49 -10.14 44.44
C ARG B 112 -48.91 -10.17 42.98
N GLU B 113 -49.70 -9.19 42.55
CA GLU B 113 -50.16 -9.15 41.16
C GLU B 113 -49.04 -8.63 40.25
N ASN B 114 -48.21 -9.55 39.74
CA ASN B 114 -47.07 -9.21 38.89
C ASN B 114 -47.02 -9.94 37.55
N LEU B 115 -48.19 -10.26 37.01
CA LEU B 115 -48.35 -10.64 35.61
C LEU B 115 -47.79 -12.01 35.15
N ILE B 116 -46.63 -12.40 35.65
CA ILE B 116 -45.96 -13.53 35.04
C ILE B 116 -45.14 -14.34 36.03
N HIS B 117 -45.21 -15.66 35.91
CA HIS B 117 -44.26 -16.51 36.60
C HIS B 117 -43.31 -17.20 35.62
N ALA B 118 -42.04 -17.29 35.99
CA ALA B 118 -41.06 -18.03 35.20
C ALA B 118 -40.17 -18.89 36.08
N SER B 119 -40.01 -20.16 35.69
CA SER B 119 -39.16 -21.10 36.44
C SER B 119 -37.76 -20.53 36.64
N ASP B 120 -37.14 -20.87 37.76
CA ASP B 120 -35.88 -20.26 38.16
C ASP B 120 -34.73 -21.25 38.26
N SER B 121 -34.98 -22.51 37.87
CA SER B 121 -33.95 -23.54 37.90
C SER B 121 -34.40 -24.72 37.05
N GLU B 122 -33.45 -25.58 36.70
CA GLU B 122 -33.77 -26.70 35.82
C GLU B 122 -34.72 -27.64 36.53
N ASP B 123 -34.51 -27.80 37.84
CA ASP B 123 -35.45 -28.55 38.67
C ASP B 123 -36.82 -27.88 38.65
N SER B 124 -36.86 -26.63 39.12
CA SER B 124 -38.09 -25.83 39.11
C SER B 124 -38.78 -26.06 37.78
N ALA B 125 -38.01 -25.95 36.71
CA ALA B 125 -38.52 -26.18 35.37
C ALA B 125 -39.13 -27.56 35.27
N VAL B 126 -38.32 -28.59 35.52
CA VAL B 126 -38.80 -29.97 35.46
C VAL B 126 -40.05 -30.07 36.32
N ASP B 127 -39.83 -29.80 37.60
CA ASP B 127 -40.86 -29.65 38.62
C ASP B 127 -42.16 -29.04 38.07
N GLU B 128 -42.11 -27.73 37.80
CA GLU B 128 -43.28 -26.94 37.41
C GLU B 128 -43.80 -27.33 36.05
N ILE B 129 -42.88 -27.73 35.16
CA ILE B 129 -43.32 -28.24 33.86
C ILE B 129 -44.09 -29.52 34.11
N SER B 130 -43.65 -30.28 35.10
CA SER B 130 -44.34 -31.51 35.49
C SER B 130 -45.71 -31.20 36.08
N ILE B 131 -45.74 -30.33 37.08
CA ILE B 131 -47.00 -29.88 37.69
C ILE B 131 -48.02 -29.47 36.65
N TRP B 132 -47.58 -28.69 35.66
CA TRP B 132 -48.48 -28.13 34.65
C TRP B 132 -48.58 -28.97 33.40
N PHE B 133 -47.52 -29.73 33.13
CA PHE B 133 -47.41 -30.48 31.88
C PHE B 133 -46.83 -31.89 32.06
N GLY C 5 55.37 -16.32 -28.77
CA GLY C 5 55.72 -15.02 -29.32
C GLY C 5 54.98 -14.68 -30.59
N LEU C 6 55.75 -14.35 -31.63
CA LEU C 6 55.21 -13.94 -32.94
C LEU C 6 54.29 -14.98 -33.57
N GLN C 7 53.16 -14.51 -34.11
CA GLN C 7 52.31 -15.33 -34.94
C GLN C 7 51.91 -14.54 -36.16
N ARG C 8 51.43 -15.26 -37.16
CA ARG C 8 50.77 -14.63 -38.29
C ARG C 8 49.33 -15.12 -38.40
N THR C 9 48.44 -14.23 -38.84
CA THR C 9 47.03 -14.56 -38.99
C THR C 9 46.50 -13.95 -40.26
N LEU C 10 45.40 -14.49 -40.77
CA LEU C 10 44.84 -14.00 -42.02
C LEU C 10 43.62 -13.12 -41.76
N VAL C 11 43.66 -11.90 -42.29
CA VAL C 11 42.50 -11.02 -42.25
C VAL C 11 41.88 -10.84 -43.63
N LEU C 12 40.56 -10.91 -43.70
CA LEU C 12 39.85 -10.42 -44.89
C LEU C 12 39.03 -9.17 -44.57
N ILE C 13 39.23 -8.12 -45.35
CA ILE C 13 38.32 -6.99 -45.35
C ILE C 13 37.18 -7.33 -46.32
N LYS C 14 35.95 -7.36 -45.83
CA LYS C 14 34.80 -7.78 -46.64
C LYS C 14 34.23 -6.65 -47.49
N PRO C 15 33.42 -6.99 -48.52
CA PRO C 15 32.97 -5.96 -49.48
C PRO C 15 32.08 -4.87 -48.87
N ASP C 16 31.46 -5.14 -47.73
CA ASP C 16 30.70 -4.08 -47.08
C ASP C 16 31.61 -2.96 -46.54
N ALA C 17 32.88 -3.28 -46.24
CA ALA C 17 33.84 -2.27 -45.84
C ALA C 17 34.14 -1.31 -47.00
N PHE C 18 34.20 -1.83 -48.23
CA PHE C 18 34.38 -0.95 -49.38
C PHE C 18 33.11 -0.11 -49.62
N GLU C 19 31.97 -0.78 -49.64
CA GLU C 19 30.71 -0.09 -49.84
C GLU C 19 30.52 1.04 -48.83
N ARG C 20 30.89 0.79 -47.57
CA ARG C 20 30.72 1.79 -46.54
C ARG C 20 31.96 2.66 -46.29
N SER C 21 32.99 2.49 -47.09
CA SER C 21 34.22 3.29 -46.94
C SER C 21 34.87 3.17 -45.55
N LEU C 22 34.98 1.96 -45.03
CA LEU C 22 35.49 1.76 -43.69
C LEU C 22 36.81 1.01 -43.75
N VAL C 23 37.35 0.85 -44.95
CA VAL C 23 38.57 0.07 -45.11
C VAL C 23 39.67 0.61 -44.21
N ALA C 24 39.96 1.90 -44.32
CA ALA C 24 41.03 2.51 -43.53
C ALA C 24 40.72 2.42 -42.03
N GLU C 25 39.46 2.61 -41.68
CA GLU C 25 39.05 2.57 -40.28
C GLU C 25 39.44 1.23 -39.65
N ILE C 26 39.14 0.15 -40.37
CA ILE C 26 39.33 -1.19 -39.85
C ILE C 26 40.82 -1.53 -39.79
N MET C 27 41.53 -1.29 -40.89
CA MET C 27 42.96 -1.52 -40.95
C MET C 27 43.73 -0.70 -39.89
N GLY C 28 43.18 0.45 -39.53
CA GLY C 28 43.81 1.36 -38.59
C GLY C 28 43.72 0.82 -37.19
N ARG C 29 42.57 0.23 -36.86
CA ARG C 29 42.39 -0.39 -35.56
C ARG C 29 43.45 -1.47 -35.33
N ILE C 30 43.79 -2.19 -36.39
CA ILE C 30 44.75 -3.28 -36.26
C ILE C 30 46.15 -2.70 -36.25
N GLU C 31 46.33 -1.60 -36.97
CA GLU C 31 47.62 -0.96 -37.04
C GLU C 31 47.97 -0.31 -35.69
N LYS C 32 46.99 0.33 -35.05
CA LYS C 32 47.25 1.03 -33.79
C LYS C 32 47.57 0.06 -32.67
N LYS C 33 47.22 -1.21 -32.84
CA LYS C 33 47.57 -2.21 -31.83
C LYS C 33 48.94 -2.85 -32.09
N ASN C 34 49.67 -2.26 -33.04
CA ASN C 34 51.04 -2.66 -33.35
C ASN C 34 51.23 -3.95 -34.17
N PHE C 35 50.23 -4.32 -34.95
CA PHE C 35 50.36 -5.46 -35.85
C PHE C 35 50.88 -5.02 -37.21
N LYS C 36 51.78 -5.82 -37.78
CA LYS C 36 52.42 -5.44 -39.04
C LYS C 36 51.87 -6.20 -40.21
N ILE C 37 51.74 -5.52 -41.35
CA ILE C 37 51.38 -6.15 -42.60
C ILE C 37 52.59 -6.89 -43.15
N VAL C 38 52.41 -8.16 -43.47
CA VAL C 38 53.49 -8.95 -44.04
C VAL C 38 53.21 -9.36 -45.48
N SER C 39 51.94 -9.56 -45.81
CA SER C 39 51.48 -9.65 -47.20
C SER C 39 50.09 -9.02 -47.34
N MET C 40 49.73 -8.65 -48.56
CA MET C 40 48.43 -8.04 -48.79
C MET C 40 48.07 -8.02 -50.26
N LYS C 41 46.83 -8.40 -50.56
CA LYS C 41 46.31 -8.38 -51.93
C LYS C 41 44.93 -7.73 -52.03
N PHE C 42 44.77 -6.86 -53.02
CA PHE C 42 43.45 -6.32 -53.33
C PHE C 42 42.79 -7.13 -54.44
N TRP C 43 41.63 -7.70 -54.15
CA TRP C 43 40.85 -8.40 -55.17
C TRP C 43 39.61 -7.58 -55.54
N SER C 44 39.58 -7.04 -56.75
CA SER C 44 38.41 -6.26 -57.17
C SER C 44 37.19 -7.18 -57.15
N LYS C 45 37.43 -8.42 -57.51
CA LYS C 45 36.45 -9.47 -57.31
C LYS C 45 37.20 -10.79 -57.08
N ALA C 46 37.12 -11.30 -55.86
CA ALA C 46 37.80 -12.53 -55.54
C ALA C 46 37.15 -13.70 -56.27
N PRO C 47 37.97 -14.54 -56.93
CA PRO C 47 37.49 -15.76 -57.59
C PRO C 47 36.65 -16.59 -56.63
N ARG C 48 35.53 -17.11 -57.10
CA ARG C 48 34.61 -17.82 -56.22
C ARG C 48 35.18 -19.05 -55.51
N ASN C 49 36.07 -19.80 -56.16
CA ASN C 49 36.62 -21.00 -55.52
C ASN C 49 37.56 -20.67 -54.36
N LEU C 50 38.25 -19.53 -54.45
CA LEU C 50 39.04 -19.00 -53.33
C LEU C 50 38.14 -18.76 -52.15
N ILE C 51 37.02 -18.08 -52.40
CA ILE C 51 36.05 -17.80 -51.35
C ILE C 51 35.51 -19.08 -50.76
N GLU C 52 35.12 -20.01 -51.64
CA GLU C 52 34.55 -21.28 -51.18
C GLU C 52 35.54 -22.13 -50.38
N GLN C 53 36.78 -22.19 -50.84
CA GLN C 53 37.86 -22.79 -50.05
C GLN C 53 37.93 -22.14 -48.67
N HIS C 54 38.07 -20.81 -48.67
CA HIS C 54 38.24 -20.05 -47.44
C HIS C 54 37.16 -20.42 -46.44
N TYR C 55 35.94 -20.60 -46.94
CA TYR C 55 34.82 -20.89 -46.07
C TYR C 55 34.39 -22.35 -46.14
N LYS C 56 35.30 -23.21 -46.59
CA LYS C 56 34.98 -24.61 -46.86
C LYS C 56 34.34 -25.34 -45.69
N GLU C 57 34.81 -25.06 -44.47
CA GLU C 57 34.23 -25.64 -43.26
C GLU C 57 32.77 -25.27 -43.07
N HIS C 58 32.31 -24.31 -43.87
CA HIS C 58 30.96 -23.78 -43.75
C HIS C 58 30.03 -24.32 -44.84
N SER C 59 30.56 -25.23 -45.65
CA SER C 59 29.87 -25.63 -46.90
C SER C 59 28.49 -26.26 -46.75
N GLU C 60 28.17 -26.76 -45.56
CA GLU C 60 26.90 -27.44 -45.35
C GLU C 60 25.88 -26.59 -44.60
N GLN C 61 26.22 -25.32 -44.37
CA GLN C 61 25.34 -24.46 -43.61
C GLN C 61 24.27 -23.82 -44.48
N SER C 62 23.18 -23.41 -43.86
CA SER C 62 22.09 -22.74 -44.57
C SER C 62 22.56 -21.45 -45.25
N TYR C 63 23.56 -20.80 -44.68
CA TYR C 63 23.98 -19.48 -45.16
C TYR C 63 25.12 -19.55 -46.19
N PHE C 64 25.60 -20.74 -46.48
CA PHE C 64 26.84 -20.88 -47.26
C PHE C 64 26.84 -20.19 -48.61
N ASN C 65 25.78 -20.41 -49.40
CA ASN C 65 25.69 -19.81 -50.73
C ASN C 65 25.55 -18.30 -50.70
N ASP C 66 24.72 -17.79 -49.80
CA ASP C 66 24.51 -16.36 -49.68
C ASP C 66 25.81 -15.66 -49.27
N LEU C 67 26.53 -16.29 -48.36
CA LEU C 67 27.77 -15.76 -47.83
C LEU C 67 28.76 -15.59 -48.98
N CYS C 68 28.93 -16.63 -49.77
CA CYS C 68 29.86 -16.57 -50.90
C CYS C 68 29.45 -15.54 -51.95
N ASP C 69 28.15 -15.44 -52.22
CA ASP C 69 27.66 -14.44 -53.17
C ASP C 69 28.01 -13.03 -52.66
N PHE C 70 27.76 -12.80 -51.37
CA PHE C 70 28.13 -11.54 -50.74
C PHE C 70 29.62 -11.22 -50.87
N MET C 71 30.46 -12.20 -50.53
CA MET C 71 31.92 -12.02 -50.53
C MET C 71 32.44 -11.76 -51.93
N VAL C 72 31.61 -12.01 -52.92
CA VAL C 72 32.01 -11.77 -54.30
C VAL C 72 31.29 -10.54 -54.88
N SER C 73 30.47 -9.88 -54.06
CA SER C 73 29.65 -8.75 -54.48
C SER C 73 30.39 -7.41 -54.57
N GLY C 74 31.64 -7.37 -54.13
CA GLY C 74 32.43 -6.15 -54.17
C GLY C 74 33.87 -6.55 -53.98
N PRO C 75 34.78 -5.57 -53.86
CA PRO C 75 36.18 -5.91 -53.61
C PRO C 75 36.42 -6.51 -52.23
N ILE C 76 37.55 -7.19 -52.07
CA ILE C 76 38.01 -7.60 -50.77
C ILE C 76 39.52 -7.46 -50.70
N ILE C 77 40.04 -7.30 -49.49
CA ILE C 77 41.47 -7.29 -49.29
C ILE C 77 41.86 -8.45 -48.38
N SER C 78 42.88 -9.21 -48.77
CA SER C 78 43.43 -10.25 -47.90
C SER C 78 44.80 -9.81 -47.35
N ILE C 79 45.00 -10.01 -46.06
CA ILE C 79 46.19 -9.50 -45.41
C ILE C 79 46.72 -10.51 -44.44
N VAL C 80 48.02 -10.71 -44.42
CA VAL C 80 48.64 -11.46 -43.35
C VAL C 80 49.24 -10.47 -42.37
N TYR C 81 48.77 -10.50 -41.14
CA TYR C 81 49.33 -9.68 -40.07
C TYR C 81 50.27 -10.49 -39.18
N GLU C 82 51.33 -9.83 -38.74
CA GLU C 82 52.30 -10.43 -37.83
C GLU C 82 52.42 -9.64 -36.55
N GLY C 83 52.52 -10.33 -35.43
CA GLY C 83 52.65 -9.69 -34.14
C GLY C 83 52.52 -10.71 -33.03
N THR C 84 52.77 -10.28 -31.81
CA THR C 84 52.71 -11.18 -30.67
C THR C 84 51.29 -11.65 -30.48
N ASP C 85 51.05 -12.95 -30.58
CA ASP C 85 49.72 -13.46 -30.26
C ASP C 85 48.68 -12.90 -31.26
N ALA C 86 49.15 -12.72 -32.50
CA ALA C 86 48.36 -12.09 -33.56
C ALA C 86 46.98 -12.72 -33.77
N ILE C 87 46.94 -14.05 -33.78
CA ILE C 87 45.70 -14.77 -34.10
C ILE C 87 44.56 -14.42 -33.15
N SER C 88 44.81 -14.59 -31.85
CA SER C 88 43.78 -14.35 -30.86
C SER C 88 43.51 -12.86 -30.60
N LYS C 89 44.53 -12.02 -30.71
CA LYS C 89 44.31 -10.61 -30.41
C LYS C 89 43.56 -9.86 -31.50
N ILE C 90 43.80 -10.21 -32.76
CA ILE C 90 43.03 -9.67 -33.86
C ILE C 90 41.59 -10.22 -33.88
N ARG C 91 41.42 -11.47 -33.46
CA ARG C 91 40.09 -12.02 -33.20
C ARG C 91 39.32 -11.18 -32.18
N ARG C 92 40.00 -10.79 -31.11
CA ARG C 92 39.40 -9.95 -30.08
C ARG C 92 39.08 -8.58 -30.67
N LEU C 93 39.98 -8.07 -31.50
CA LEU C 93 39.81 -6.77 -32.13
C LEU C 93 38.56 -6.77 -32.99
N GLN C 94 38.42 -7.82 -33.79
CA GLN C 94 37.23 -8.01 -34.60
C GLN C 94 35.97 -8.07 -33.76
N GLY C 95 35.99 -8.93 -32.74
CA GLY C 95 34.88 -9.06 -31.82
C GLY C 95 33.57 -9.45 -32.49
N ASN C 96 32.47 -8.90 -31.97
CA ASN C 96 31.16 -9.17 -32.53
C ASN C 96 30.24 -7.96 -32.36
N ILE C 97 29.11 -7.95 -33.06
CA ILE C 97 28.22 -6.79 -33.10
C ILE C 97 27.53 -6.48 -31.77
N LEU C 98 27.73 -7.34 -30.76
CA LEU C 98 27.15 -7.09 -29.45
C LEU C 98 28.12 -6.40 -28.51
N THR C 99 29.38 -6.27 -28.92
CA THR C 99 30.45 -5.87 -28.02
C THR C 99 31.11 -4.55 -28.42
N PRO C 100 30.64 -3.43 -27.83
CA PRO C 100 31.26 -2.12 -28.09
C PRO C 100 32.76 -2.12 -27.82
N GLY C 101 33.50 -1.40 -28.64
CA GLY C 101 34.95 -1.32 -28.50
C GLY C 101 35.70 -2.08 -29.57
N THR C 102 35.01 -3.04 -30.19
CA THR C 102 35.61 -3.88 -31.23
C THR C 102 35.15 -3.38 -32.57
N ILE C 103 35.75 -3.89 -33.65
CA ILE C 103 35.38 -3.50 -35.01
C ILE C 103 33.91 -3.80 -35.32
N ARG C 104 33.44 -5.00 -35.02
CA ARG C 104 32.05 -5.33 -35.29
C ARG C 104 31.11 -4.65 -34.30
N GLY C 105 31.58 -4.50 -33.06
CA GLY C 105 30.79 -3.88 -32.02
C GLY C 105 30.46 -2.42 -32.28
N ASP C 106 31.41 -1.68 -32.87
CA ASP C 106 31.23 -0.27 -33.14
C ASP C 106 30.65 0.01 -34.55
N LEU C 107 30.93 -0.88 -35.52
CA LEU C 107 30.65 -0.53 -36.91
C LEU C 107 29.74 -1.49 -37.69
N ALA C 108 29.43 -2.65 -37.13
CA ALA C 108 28.64 -3.62 -37.85
C ALA C 108 27.32 -3.87 -37.12
N ASN C 109 26.32 -4.30 -37.86
CA ASN C 109 25.02 -4.60 -37.26
C ASN C 109 24.29 -5.67 -38.04
N ASP C 110 25.01 -6.66 -38.53
CA ASP C 110 24.41 -7.67 -39.39
C ASP C 110 25.08 -9.02 -39.20
N ILE C 111 24.36 -10.09 -39.48
CA ILE C 111 24.84 -11.44 -39.28
C ILE C 111 25.83 -11.85 -40.36
N ARG C 112 25.68 -11.26 -41.54
CA ARG C 112 26.52 -11.63 -42.66
C ARG C 112 27.49 -10.50 -43.03
N GLU C 113 26.97 -9.29 -43.14
CA GLU C 113 27.81 -8.15 -43.51
C GLU C 113 28.41 -7.56 -42.25
N ASN C 114 29.56 -8.13 -41.86
CA ASN C 114 30.24 -7.72 -40.65
C ASN C 114 31.69 -7.31 -40.86
N LEU C 115 31.97 -6.70 -41.99
CA LEU C 115 33.23 -5.96 -42.21
C LEU C 115 34.50 -6.79 -42.35
N ILE C 116 34.72 -7.74 -41.44
CA ILE C 116 36.04 -8.32 -41.34
C ILE C 116 36.02 -9.80 -41.02
N HIS C 117 36.92 -10.55 -41.66
CA HIS C 117 37.23 -11.91 -41.21
C HIS C 117 38.62 -11.98 -40.58
N ALA C 118 38.76 -12.79 -39.54
CA ALA C 118 40.05 -13.06 -38.95
C ALA C 118 40.14 -14.52 -38.53
N SER C 119 41.25 -15.17 -38.87
CA SER C 119 41.50 -16.57 -38.45
C SER C 119 41.27 -16.76 -36.95
N ASP C 120 40.67 -17.89 -36.60
CA ASP C 120 40.33 -18.16 -35.20
C ASP C 120 41.23 -19.20 -34.51
N SER C 121 42.19 -19.78 -35.23
CA SER C 121 43.08 -20.79 -34.64
C SER C 121 44.39 -20.82 -35.38
N GLU C 122 45.36 -21.54 -34.85
CA GLU C 122 46.65 -21.65 -35.53
C GLU C 122 46.56 -22.43 -36.83
N ASP C 123 45.70 -23.43 -36.85
CA ASP C 123 45.54 -24.24 -38.05
C ASP C 123 44.77 -23.50 -39.13
N SER C 124 43.63 -22.90 -38.77
CA SER C 124 42.87 -22.13 -39.74
C SER C 124 43.73 -20.97 -40.25
N ALA C 125 44.57 -20.42 -39.38
CA ALA C 125 45.50 -19.38 -39.80
C ALA C 125 46.43 -19.91 -40.89
N VAL C 126 47.12 -21.00 -40.58
CA VAL C 126 48.07 -21.60 -41.53
C VAL C 126 47.36 -21.96 -42.82
N ASP C 127 46.17 -22.54 -42.70
CA ASP C 127 45.40 -22.91 -43.89
C ASP C 127 44.95 -21.68 -44.71
N GLU C 128 44.32 -20.72 -44.05
CA GLU C 128 43.83 -19.52 -44.75
C GLU C 128 44.96 -18.72 -45.39
N ILE C 129 46.11 -18.64 -44.71
CA ILE C 129 47.27 -17.98 -45.33
C ILE C 129 47.63 -18.64 -46.66
N SER C 130 47.57 -19.97 -46.70
CA SER C 130 47.96 -20.70 -47.92
C SER C 130 46.95 -20.48 -49.05
N ILE C 131 45.67 -20.48 -48.73
CA ILE C 131 44.62 -20.18 -49.70
C ILE C 131 44.82 -18.85 -50.43
N TRP C 132 45.04 -17.77 -49.68
CA TRP C 132 45.13 -16.42 -50.27
C TRP C 132 46.54 -16.03 -50.71
N PHE C 133 47.53 -16.68 -50.12
CA PHE C 133 48.92 -16.45 -50.51
C PHE C 133 49.61 -17.80 -50.68
N PRO C 134 49.24 -18.54 -51.74
CA PRO C 134 49.76 -19.87 -52.05
C PRO C 134 51.25 -19.85 -52.34
N GLU C 135 51.80 -18.71 -52.77
CA GLU C 135 53.24 -18.59 -52.99
C GLU C 135 53.96 -18.73 -51.66
N THR C 136 53.74 -19.86 -51.00
CA THR C 136 54.38 -20.21 -49.73
C THR C 136 53.41 -20.96 -48.82
N GLY D 5 -47.46 1.35 50.29
CA GLY D 5 -48.36 2.46 50.60
C GLY D 5 -48.52 3.39 49.41
N LEU D 6 -49.73 3.86 49.18
CA LEU D 6 -50.00 4.81 48.09
C LEU D 6 -49.12 6.05 48.22
N GLN D 7 -48.71 6.60 47.09
CA GLN D 7 -47.97 7.83 47.09
C GLN D 7 -48.41 8.66 45.89
N ARG D 8 -48.26 9.97 46.01
CA ARG D 8 -48.51 10.86 44.92
C ARG D 8 -47.18 11.50 44.62
N THR D 9 -46.87 11.65 43.34
CA THR D 9 -45.64 12.31 42.97
C THR D 9 -45.94 13.26 41.84
N LEU D 10 -45.07 14.24 41.63
CA LEU D 10 -45.30 15.21 40.59
C LEU D 10 -44.43 14.96 39.36
N VAL D 11 -45.07 14.84 38.20
CA VAL D 11 -44.38 14.73 36.93
C VAL D 11 -44.57 15.98 36.05
N LEU D 12 -43.48 16.49 35.47
CA LEU D 12 -43.56 17.48 34.38
C LEU D 12 -43.18 16.87 33.04
N ILE D 13 -43.98 17.15 32.01
CA ILE D 13 -43.63 16.76 30.65
C ILE D 13 -43.06 18.02 30.07
N LYS D 14 -41.79 17.96 29.67
CA LYS D 14 -41.01 19.14 29.31
C LYS D 14 -41.25 19.56 27.85
N PRO D 15 -40.84 20.79 27.50
CA PRO D 15 -41.11 21.29 26.15
C PRO D 15 -40.49 20.47 25.03
N ASP D 16 -39.37 19.79 25.26
CA ASP D 16 -38.82 18.96 24.21
C ASP D 16 -39.76 17.81 23.83
N ALA D 17 -40.54 17.31 24.79
CA ALA D 17 -41.53 16.28 24.47
C ALA D 17 -42.52 16.75 23.43
N PHE D 18 -43.00 17.99 23.56
CA PHE D 18 -43.97 18.53 22.60
C PHE D 18 -43.32 18.75 21.23
N GLU D 19 -42.11 19.29 21.25
CA GLU D 19 -41.35 19.54 20.03
C GLU D 19 -41.17 18.25 19.24
N ARG D 20 -40.90 17.15 19.94
CA ARG D 20 -40.59 15.87 19.30
C ARG D 20 -41.79 14.90 19.27
N SER D 21 -42.93 15.37 19.74
CA SER D 21 -44.15 14.57 19.72
C SER D 21 -44.02 13.25 20.50
N LEU D 22 -43.42 13.33 21.69
CA LEU D 22 -43.23 12.17 22.54
C LEU D 22 -44.14 12.19 23.77
N VAL D 23 -45.11 13.09 23.78
CA VAL D 23 -45.97 13.26 24.96
C VAL D 23 -46.71 11.97 25.33
N ALA D 24 -47.37 11.36 24.35
CA ALA D 24 -48.16 10.14 24.59
C ALA D 24 -47.25 8.97 24.90
N GLU D 25 -46.09 8.93 24.24
CA GLU D 25 -45.10 7.91 24.49
C GLU D 25 -44.69 7.90 25.95
N ILE D 26 -44.53 9.09 26.53
CA ILE D 26 -44.06 9.24 27.90
C ILE D 26 -45.17 8.93 28.90
N MET D 27 -46.34 9.50 28.66
CA MET D 27 -47.48 9.23 29.53
C MET D 27 -47.85 7.74 29.47
N GLY D 28 -47.66 7.13 28.30
CA GLY D 28 -47.98 5.73 28.09
C GLY D 28 -47.17 4.83 29.00
N ARG D 29 -45.89 5.16 29.15
CA ARG D 29 -45.00 4.32 29.94
C ARG D 29 -45.35 4.34 31.42
N ILE D 30 -45.76 5.50 31.90
CA ILE D 30 -46.22 5.61 33.27
C ILE D 30 -47.58 4.92 33.39
N GLU D 31 -48.43 5.10 32.39
CA GLU D 31 -49.76 4.50 32.40
C GLU D 31 -49.66 2.97 32.40
N LYS D 32 -48.68 2.43 31.70
CA LYS D 32 -48.54 0.98 31.56
C LYS D 32 -48.05 0.31 32.84
N LYS D 33 -47.43 1.09 33.73
CA LYS D 33 -46.98 0.56 35.00
C LYS D 33 -48.09 0.72 36.06
N ASN D 34 -49.29 1.04 35.60
CA ASN D 34 -50.50 1.11 36.43
C ASN D 34 -50.63 2.33 37.34
N PHE D 35 -49.86 3.38 37.09
CA PHE D 35 -50.02 4.62 37.84
C PHE D 35 -51.18 5.44 37.31
N LYS D 36 -51.91 6.07 38.21
CA LYS D 36 -53.14 6.79 37.87
C LYS D 36 -52.95 8.30 37.92
N ILE D 37 -53.63 9.00 37.01
CA ILE D 37 -53.65 10.46 37.01
C ILE D 37 -54.64 10.92 38.06
N VAL D 38 -54.16 11.78 38.96
CA VAL D 38 -54.96 12.32 40.04
C VAL D 38 -55.38 13.76 39.73
N SER D 39 -54.44 14.54 39.20
CA SER D 39 -54.76 15.83 38.60
C SER D 39 -53.74 16.14 37.51
N MET D 40 -54.08 17.05 36.61
CA MET D 40 -53.22 17.33 35.47
C MET D 40 -53.56 18.68 34.87
N LYS D 41 -52.54 19.43 34.45
CA LYS D 41 -52.75 20.74 33.81
C LYS D 41 -51.81 20.95 32.64
N PHE D 42 -52.36 21.50 31.56
CA PHE D 42 -51.58 21.81 30.38
C PHE D 42 -51.23 23.30 30.40
N TRP D 43 -49.96 23.60 30.18
CA TRP D 43 -49.49 25.00 30.15
C TRP D 43 -48.87 25.32 28.79
N SER D 44 -49.53 26.18 28.01
CA SER D 44 -48.99 26.54 26.70
C SER D 44 -47.63 27.20 26.86
N LYS D 45 -47.46 27.90 27.97
CA LYS D 45 -46.17 28.43 28.38
C LYS D 45 -46.26 28.61 29.89
N ALA D 46 -45.42 27.90 30.64
CA ALA D 46 -45.51 27.95 32.09
C ALA D 46 -45.04 29.30 32.58
N PRO D 47 -45.73 29.88 33.58
CA PRO D 47 -45.25 31.16 34.12
C PRO D 47 -43.82 31.00 34.60
N ARG D 48 -42.96 31.96 34.29
CA ARG D 48 -41.56 31.83 34.64
C ARG D 48 -41.33 31.64 36.14
N ASN D 49 -42.17 32.25 36.97
CA ASN D 49 -41.96 32.18 38.41
C ASN D 49 -42.25 30.79 38.98
N LEU D 50 -43.24 30.10 38.41
CA LEU D 50 -43.49 28.69 38.75
C LEU D 50 -42.28 27.80 38.46
N ILE D 51 -41.68 27.97 37.29
CA ILE D 51 -40.49 27.21 36.93
C ILE D 51 -39.39 27.44 37.96
N GLU D 52 -39.14 28.71 38.28
CA GLU D 52 -38.08 29.07 39.22
C GLU D 52 -38.32 28.49 40.60
N GLN D 53 -39.56 28.57 41.07
CA GLN D 53 -39.92 27.89 42.31
C GLN D 53 -39.61 26.41 42.17
N HIS D 54 -40.00 25.84 41.03
CA HIS D 54 -39.86 24.42 40.79
C HIS D 54 -38.40 23.96 40.89
N TYR D 55 -37.52 24.64 40.18
CA TYR D 55 -36.09 24.33 40.23
C TYR D 55 -35.33 25.24 41.21
N LYS D 56 -36.00 25.62 42.30
CA LYS D 56 -35.42 26.53 43.27
C LYS D 56 -34.09 26.04 43.84
N GLU D 57 -33.97 24.74 44.09
CA GLU D 57 -32.75 24.19 44.67
C GLU D 57 -31.52 24.31 43.76
N HIS D 58 -31.74 24.76 42.53
CA HIS D 58 -30.67 24.81 41.54
C HIS D 58 -30.22 26.23 41.21
N SER D 59 -30.81 27.22 41.87
CA SER D 59 -30.65 28.62 41.47
C SER D 59 -29.21 29.10 41.43
N GLU D 60 -28.31 28.40 42.10
CA GLU D 60 -26.91 28.80 42.06
C GLU D 60 -26.09 27.96 41.10
N GLN D 61 -26.76 27.13 40.30
CA GLN D 61 -26.08 26.32 39.29
C GLN D 61 -25.84 27.12 38.02
N SER D 62 -24.84 26.67 37.26
CA SER D 62 -24.43 27.35 36.04
C SER D 62 -25.40 27.10 34.88
N TYR D 63 -26.26 26.10 35.05
CA TYR D 63 -27.18 25.73 33.97
C TYR D 63 -28.58 26.26 34.24
N PHE D 64 -28.74 26.91 35.40
CA PHE D 64 -30.06 27.32 35.89
C PHE D 64 -30.77 28.27 34.94
N ASN D 65 -30.01 29.17 34.31
CA ASN D 65 -30.61 30.12 33.37
C ASN D 65 -31.17 29.46 32.12
N ASP D 66 -30.35 28.62 31.49
CA ASP D 66 -30.76 27.93 30.28
C ASP D 66 -31.88 26.94 30.56
N LEU D 67 -31.82 26.33 31.74
CA LEU D 67 -32.87 25.42 32.18
C LEU D 67 -34.22 26.14 32.26
N CYS D 68 -34.23 27.32 32.87
CA CYS D 68 -35.45 28.10 33.00
C CYS D 68 -35.95 28.59 31.65
N ASP D 69 -35.03 29.05 30.80
CA ASP D 69 -35.40 29.49 29.45
C ASP D 69 -36.03 28.35 28.68
N PHE D 70 -35.40 27.17 28.75
CA PHE D 70 -35.87 25.99 28.07
C PHE D 70 -37.27 25.60 28.55
N MET D 71 -37.47 25.61 29.87
CA MET D 71 -38.73 25.17 30.47
C MET D 71 -39.90 26.05 30.06
N VAL D 72 -39.57 27.21 29.51
CA VAL D 72 -40.59 28.20 29.24
C VAL D 72 -40.75 28.40 27.73
N SER D 73 -39.93 27.68 26.98
CA SER D 73 -39.86 27.82 25.53
C SER D 73 -40.97 27.09 24.77
N GLY D 74 -41.79 26.34 25.48
CA GLY D 74 -42.85 25.57 24.86
C GLY D 74 -43.74 25.03 25.94
N PRO D 75 -44.74 24.21 25.57
CA PRO D 75 -45.66 23.69 26.57
C PRO D 75 -44.99 22.80 27.60
N ILE D 76 -45.65 22.67 28.74
CA ILE D 76 -45.38 21.59 29.65
C ILE D 76 -46.71 21.12 30.18
N ILE D 77 -46.74 19.86 30.61
CA ILE D 77 -47.88 19.32 31.31
C ILE D 77 -47.40 18.98 32.70
N SER D 78 -48.18 19.36 33.71
CA SER D 78 -47.87 18.98 35.08
C SER D 78 -48.89 17.94 35.54
N ILE D 79 -48.40 16.85 36.12
CA ILE D 79 -49.27 15.72 36.41
C ILE D 79 -49.01 15.25 37.82
N VAL D 80 -50.07 14.91 38.54
CA VAL D 80 -49.90 14.24 39.82
C VAL D 80 -50.27 12.79 39.64
N TYR D 81 -49.31 11.91 39.87
CA TYR D 81 -49.55 10.47 39.72
C TYR D 81 -49.66 9.79 41.07
N GLU D 82 -50.59 8.84 41.17
CA GLU D 82 -50.80 8.11 42.41
C GLU D 82 -50.65 6.61 42.20
N GLY D 83 -50.01 5.95 43.15
CA GLY D 83 -49.86 4.51 43.10
C GLY D 83 -48.85 4.04 44.13
N THR D 84 -48.80 2.73 44.34
CA THR D 84 -47.85 2.16 45.28
C THR D 84 -46.45 2.63 44.97
N ASP D 85 -45.82 3.26 45.94
CA ASP D 85 -44.41 3.60 45.82
C ASP D 85 -44.15 4.50 44.61
N ALA D 86 -45.10 5.38 44.33
CA ALA D 86 -45.08 6.17 43.11
C ALA D 86 -43.82 7.02 42.97
N ILE D 87 -43.39 7.65 44.06
CA ILE D 87 -42.22 8.51 43.98
C ILE D 87 -41.02 7.77 43.43
N SER D 88 -40.62 6.71 44.12
CA SER D 88 -39.47 5.93 43.71
C SER D 88 -39.64 5.30 42.32
N LYS D 89 -40.78 4.68 42.07
CA LYS D 89 -40.98 3.93 40.84
C LYS D 89 -40.99 4.80 39.56
N ILE D 90 -41.64 5.96 39.62
CA ILE D 90 -41.69 6.86 38.46
C ILE D 90 -40.34 7.53 38.25
N ARG D 91 -39.57 7.70 39.32
CA ARG D 91 -38.19 8.11 39.21
C ARG D 91 -37.36 7.08 38.44
N ARG D 92 -37.59 5.81 38.73
CA ARG D 92 -36.86 4.75 38.00
C ARG D 92 -37.30 4.69 36.54
N LEU D 93 -38.58 4.97 36.30
CA LEU D 93 -39.13 4.97 34.95
C LEU D 93 -38.47 6.08 34.15
N GLN D 94 -38.28 7.23 34.80
CA GLN D 94 -37.57 8.34 34.19
C GLN D 94 -36.14 7.98 33.81
N GLY D 95 -35.44 7.26 34.69
CA GLY D 95 -34.08 6.83 34.46
C GLY D 95 -33.16 7.97 34.07
N ASN D 96 -32.12 7.63 33.31
CA ASN D 96 -31.15 8.61 32.85
C ASN D 96 -30.77 8.37 31.39
N ILE D 97 -30.06 9.30 30.77
CA ILE D 97 -29.74 9.16 29.36
C ILE D 97 -28.77 8.01 29.08
N LEU D 98 -28.15 7.45 30.12
CA LEU D 98 -27.18 6.38 29.97
C LEU D 98 -27.79 5.00 29.92
N THR D 99 -28.87 4.77 30.66
CA THR D 99 -29.43 3.43 30.79
C THR D 99 -30.69 3.19 29.96
N PRO D 100 -30.57 2.37 28.90
CA PRO D 100 -31.69 1.91 28.07
C PRO D 100 -32.78 1.27 28.92
N GLY D 101 -34.03 1.32 28.46
CA GLY D 101 -35.11 0.71 29.19
C GLY D 101 -35.96 1.72 29.95
N THR D 102 -35.41 2.91 30.14
CA THR D 102 -36.15 3.97 30.82
C THR D 102 -36.60 5.03 29.82
N ILE D 103 -37.32 6.03 30.30
CA ILE D 103 -37.79 7.11 29.42
C ILE D 103 -36.61 7.93 28.85
N ARG D 104 -35.73 8.40 29.72
CA ARG D 104 -34.57 9.14 29.24
C ARG D 104 -33.60 8.23 28.48
N GLY D 105 -33.46 6.99 28.95
CA GLY D 105 -32.59 6.03 28.33
C GLY D 105 -32.95 5.70 26.89
N ASP D 106 -34.24 5.52 26.63
CA ASP D 106 -34.68 5.22 25.28
C ASP D 106 -34.81 6.47 24.42
N LEU D 107 -35.25 7.57 25.02
CA LEU D 107 -35.75 8.68 24.21
C LEU D 107 -34.97 9.99 24.28
N ALA D 108 -34.06 10.12 25.23
CA ALA D 108 -33.35 11.39 25.44
C ALA D 108 -31.85 11.27 25.27
N ASN D 109 -31.21 12.35 24.83
CA ASN D 109 -29.75 12.36 24.72
C ASN D 109 -29.14 13.74 24.98
N ASP D 110 -29.58 14.39 26.06
CA ASP D 110 -29.06 15.71 26.37
C ASP D 110 -29.05 15.91 27.88
N ILE D 111 -28.18 16.79 28.34
CA ILE D 111 -28.05 17.03 29.78
C ILE D 111 -29.14 18.00 30.23
N ARG D 112 -29.70 18.75 29.30
CA ARG D 112 -30.82 19.66 29.60
C ARG D 112 -32.16 19.18 29.06
N GLU D 113 -32.24 18.96 27.75
CA GLU D 113 -33.49 18.53 27.14
C GLU D 113 -33.71 17.03 27.29
N ASN D 114 -34.31 16.65 28.42
CA ASN D 114 -34.47 15.25 28.79
C ASN D 114 -35.91 14.84 29.08
N LEU D 115 -36.85 15.55 28.46
CA LEU D 115 -38.23 15.09 28.31
C LEU D 115 -39.11 15.16 29.56
N ILE D 116 -38.58 14.77 30.71
CA ILE D 116 -39.45 14.55 31.85
C ILE D 116 -38.80 14.94 33.14
N HIS D 117 -39.60 15.47 34.07
CA HIS D 117 -39.21 15.57 35.48
C HIS D 117 -40.10 14.70 36.37
N ALA D 118 -39.50 14.15 37.42
CA ALA D 118 -40.24 13.41 38.44
C ALA D 118 -39.61 13.69 39.80
N SER D 119 -40.45 13.89 40.81
CA SER D 119 -39.98 14.21 42.17
C SER D 119 -39.11 13.07 42.67
N ASP D 120 -38.10 13.40 43.48
CA ASP D 120 -37.13 12.41 43.93
C ASP D 120 -37.20 12.09 45.43
N SER D 121 -38.19 12.62 46.13
CA SER D 121 -38.32 12.36 47.56
C SER D 121 -39.71 12.74 48.02
N GLU D 122 -40.11 12.21 49.18
CA GLU D 122 -41.41 12.55 49.73
C GLU D 122 -41.56 14.05 49.95
N ASP D 123 -40.47 14.70 50.36
CA ASP D 123 -40.52 16.12 50.66
C ASP D 123 -40.57 16.97 49.38
N SER D 124 -39.79 16.58 48.36
CA SER D 124 -39.81 17.31 47.10
C SER D 124 -41.10 17.01 46.34
N ALA D 125 -41.66 15.83 46.58
CA ALA D 125 -42.96 15.48 46.02
C ALA D 125 -44.04 16.38 46.58
N VAL D 126 -44.09 16.50 47.91
CA VAL D 126 -45.11 17.32 48.57
C VAL D 126 -44.98 18.76 48.12
N ASP D 127 -43.75 19.24 48.12
CA ASP D 127 -43.45 20.60 47.73
C ASP D 127 -43.85 20.91 46.27
N GLU D 128 -43.50 20.01 45.35
CA GLU D 128 -43.71 20.26 43.93
C GLU D 128 -45.18 20.14 43.57
N ILE D 129 -45.89 19.26 44.26
CA ILE D 129 -47.34 19.17 44.05
C ILE D 129 -47.98 20.51 44.42
N SER D 130 -47.52 21.12 45.51
CA SER D 130 -48.08 22.41 45.94
C SER D 130 -47.79 23.56 44.98
N ILE D 131 -46.57 23.61 44.44
CA ILE D 131 -46.22 24.61 43.42
C ILE D 131 -47.14 24.55 42.19
N TRP D 132 -47.43 23.34 41.72
CA TRP D 132 -48.17 23.14 40.48
C TRP D 132 -49.68 23.01 40.70
N PHE D 133 -50.06 22.59 41.90
CA PHE D 133 -51.47 22.42 42.25
C PHE D 133 -51.74 22.94 43.64
N PRO D 134 -51.72 24.27 43.81
CA PRO D 134 -51.86 24.90 45.12
C PRO D 134 -53.24 24.58 45.67
N GLU D 135 -54.22 24.52 44.77
CA GLU D 135 -55.58 24.16 45.16
C GLU D 135 -55.68 22.64 45.35
N GLY E 5 13.81 -7.88 -37.45
CA GLY E 5 14.86 -7.13 -36.77
C GLY E 5 14.57 -5.66 -36.55
N LEU E 6 13.87 -5.03 -37.48
CA LEU E 6 13.75 -3.55 -37.52
C LEU E 6 12.93 -2.90 -36.41
N GLN E 7 13.58 -2.06 -35.62
CA GLN E 7 12.92 -1.31 -34.55
C GLN E 7 13.23 0.19 -34.64
N ARG E 8 12.49 0.96 -33.85
CA ARG E 8 12.76 2.37 -33.61
C ARG E 8 13.00 2.57 -32.12
N THR E 9 13.81 3.55 -31.78
CA THR E 9 14.06 3.80 -30.37
C THR E 9 14.26 5.29 -30.14
N LEU E 10 13.96 5.74 -28.93
CA LEU E 10 14.11 7.15 -28.62
C LEU E 10 15.42 7.48 -27.90
N VAL E 11 16.14 8.47 -28.43
CA VAL E 11 17.36 8.93 -27.79
C VAL E 11 17.24 10.40 -27.40
N LEU E 12 17.68 10.71 -26.20
CA LEU E 12 17.83 12.10 -25.77
C LEU E 12 19.30 12.47 -25.64
N ILE E 13 19.71 13.52 -26.33
CA ILE E 13 21.01 14.13 -26.06
C ILE E 13 20.88 15.10 -24.89
N LYS E 14 21.49 14.79 -23.76
CA LYS E 14 21.34 15.60 -22.56
C LYS E 14 22.16 16.91 -22.57
N PRO E 15 21.78 17.85 -21.69
CA PRO E 15 22.46 19.16 -21.68
C PRO E 15 23.96 19.08 -21.42
N ASP E 16 24.44 18.09 -20.67
CA ASP E 16 25.88 18.05 -20.41
C ASP E 16 26.66 17.87 -21.70
N ALA E 17 26.00 17.33 -22.72
CA ALA E 17 26.62 17.13 -24.03
C ALA E 17 26.82 18.46 -24.73
N PHE E 18 25.88 19.38 -24.53
CA PHE E 18 25.97 20.68 -25.18
C PHE E 18 27.02 21.51 -24.48
N GLU E 19 27.03 21.44 -23.15
CA GLU E 19 28.03 22.14 -22.38
C GLU E 19 29.45 21.70 -22.78
N ARG E 20 29.62 20.40 -22.94
CA ARG E 20 30.95 19.83 -23.17
C ARG E 20 31.23 19.60 -24.65
N SER E 21 30.32 20.08 -25.51
CA SER E 21 30.47 19.92 -26.96
C SER E 21 30.71 18.47 -27.44
N LEU E 22 29.99 17.52 -26.85
CA LEU E 22 30.05 16.12 -27.24
C LEU E 22 28.86 15.71 -28.13
N VAL E 23 28.04 16.67 -28.54
CA VAL E 23 26.84 16.34 -29.30
C VAL E 23 27.15 15.50 -30.54
N ALA E 24 28.10 15.92 -31.35
CA ALA E 24 28.42 15.21 -32.57
C ALA E 24 29.13 13.90 -32.28
N GLU E 25 29.99 13.90 -31.27
CA GLU E 25 30.72 12.71 -30.90
C GLU E 25 29.70 11.63 -30.62
N ILE E 26 28.67 11.99 -29.86
CA ILE E 26 27.64 11.02 -29.46
C ILE E 26 26.85 10.55 -30.66
N MET E 27 26.28 11.48 -31.41
CA MET E 27 25.49 11.11 -32.57
C MET E 27 26.30 10.29 -33.57
N GLY E 28 27.56 10.66 -33.72
CA GLY E 28 28.47 9.96 -34.63
C GLY E 28 28.70 8.51 -34.27
N ARG E 29 28.77 8.19 -32.99
CA ARG E 29 28.95 6.79 -32.58
C ARG E 29 27.76 5.93 -33.01
N ILE E 30 26.56 6.52 -32.97
CA ILE E 30 25.36 5.81 -33.36
C ILE E 30 25.29 5.67 -34.88
N GLU E 31 25.68 6.72 -35.59
CA GLU E 31 25.68 6.71 -37.05
C GLU E 31 26.63 5.65 -37.64
N LYS E 32 27.79 5.47 -37.02
CA LYS E 32 28.81 4.58 -37.52
C LYS E 32 28.44 3.11 -37.29
N LYS E 33 27.45 2.89 -36.44
CA LYS E 33 26.95 1.56 -36.16
C LYS E 33 25.81 1.28 -37.13
N ASN E 34 25.55 2.29 -37.95
CA ASN E 34 24.63 2.20 -39.10
C ASN E 34 23.15 2.41 -38.82
N PHE E 35 22.82 2.99 -37.67
CA PHE E 35 21.44 3.39 -37.41
C PHE E 35 21.07 4.71 -38.09
N LYS E 36 19.82 4.81 -38.51
CA LYS E 36 19.37 6.00 -39.26
C LYS E 36 18.46 6.87 -38.42
N ILE E 37 18.65 8.18 -38.56
CA ILE E 37 17.77 9.14 -37.94
C ILE E 37 16.45 9.11 -38.69
N VAL E 38 15.36 8.98 -37.95
CA VAL E 38 14.07 8.92 -38.58
C VAL E 38 13.22 10.15 -38.24
N SER E 39 13.45 10.73 -37.06
CA SER E 39 12.99 12.08 -36.74
C SER E 39 13.83 12.68 -35.60
N MET E 40 13.75 14.00 -35.45
CA MET E 40 14.69 14.69 -34.56
C MET E 40 14.21 16.10 -34.24
N LYS E 41 14.35 16.50 -32.98
CA LYS E 41 13.95 17.84 -32.56
C LYS E 41 15.01 18.48 -31.69
N PHE E 42 15.29 19.76 -31.95
CA PHE E 42 16.14 20.55 -31.06
C PHE E 42 15.32 21.39 -30.09
N TRP E 43 15.60 21.24 -28.80
CA TRP E 43 14.94 22.01 -27.75
C TRP E 43 15.97 22.84 -27.00
N SER E 44 15.84 24.16 -27.05
CA SER E 44 16.81 25.03 -26.38
C SER E 44 16.65 24.93 -24.86
N LYS E 45 15.40 24.81 -24.43
CA LYS E 45 15.08 24.47 -23.05
C LYS E 45 13.80 23.66 -23.12
N ALA E 46 13.88 22.38 -22.74
CA ALA E 46 12.74 21.48 -22.88
C ALA E 46 11.64 21.86 -21.90
N PRO E 47 10.39 21.88 -22.36
CA PRO E 47 9.23 22.14 -21.50
C PRO E 47 9.22 21.15 -20.36
N ARG E 48 9.19 21.65 -19.13
CA ARG E 48 9.37 20.81 -17.95
C ARG E 48 8.33 19.70 -17.79
N ASN E 49 7.18 19.86 -18.42
CA ASN E 49 6.20 18.80 -18.39
C ASN E 49 6.72 17.60 -19.15
N LEU E 50 7.29 17.86 -20.34
CA LEU E 50 7.87 16.82 -21.17
C LEU E 50 8.87 15.95 -20.41
N ILE E 51 9.75 16.60 -19.64
CA ILE E 51 10.77 15.89 -18.87
C ILE E 51 10.18 15.13 -17.68
N GLU E 52 9.16 15.71 -17.06
CA GLU E 52 8.46 15.05 -15.96
C GLU E 52 7.77 13.77 -16.45
N GLN E 53 7.07 13.87 -17.58
CA GLN E 53 6.49 12.70 -18.19
C GLN E 53 7.58 11.70 -18.48
N HIS E 54 8.59 12.17 -19.21
CA HIS E 54 9.66 11.31 -19.73
C HIS E 54 10.26 10.46 -18.64
N TYR E 55 10.48 11.04 -17.47
CA TYR E 55 11.05 10.30 -16.35
C TYR E 55 10.02 9.96 -15.28
N LYS E 56 8.80 9.58 -15.71
CA LYS E 56 7.69 9.32 -14.77
C LYS E 56 8.00 8.20 -13.79
N GLU E 57 8.44 7.06 -14.30
CA GLU E 57 8.79 5.91 -13.45
C GLU E 57 9.68 6.33 -12.28
N HIS E 58 10.29 7.51 -12.41
CA HIS E 58 11.26 7.98 -11.44
C HIS E 58 10.68 9.01 -10.48
N SER E 59 9.41 9.37 -10.68
CA SER E 59 8.79 10.46 -9.93
C SER E 59 8.89 10.30 -8.41
N GLU E 60 9.09 9.08 -7.93
CA GLU E 60 9.18 8.85 -6.50
C GLU E 60 10.62 8.77 -5.99
N GLN E 61 11.56 8.65 -6.90
CA GLN E 61 12.96 8.52 -6.50
C GLN E 61 13.46 9.84 -5.94
N SER E 62 14.51 9.77 -5.12
CA SER E 62 15.07 10.95 -4.47
C SER E 62 15.82 11.87 -5.45
N TYR E 63 16.15 11.34 -6.63
CA TYR E 63 16.91 12.11 -7.60
C TYR E 63 16.01 12.85 -8.58
N PHE E 64 14.71 12.56 -8.53
CA PHE E 64 13.77 13.07 -9.52
C PHE E 64 13.79 14.60 -9.74
N ASN E 65 13.78 15.37 -8.67
CA ASN E 65 13.79 16.83 -8.79
C ASN E 65 15.10 17.41 -9.32
N ASP E 66 16.22 16.93 -8.77
CA ASP E 66 17.55 17.30 -9.26
C ASP E 66 17.70 16.91 -10.73
N LEU E 67 17.13 15.76 -11.08
CA LEU E 67 17.18 15.23 -12.44
C LEU E 67 16.46 16.17 -13.40
N CYS E 68 15.24 16.55 -13.06
CA CYS E 68 14.44 17.45 -13.88
C CYS E 68 15.12 18.80 -14.04
N ASP E 69 15.62 19.34 -12.93
CA ASP E 69 16.36 20.58 -12.96
C ASP E 69 17.51 20.49 -13.97
N PHE E 70 18.28 19.41 -13.90
CA PHE E 70 19.39 19.21 -14.85
C PHE E 70 18.93 19.09 -16.31
N MET E 71 17.88 18.30 -16.56
CA MET E 71 17.41 18.09 -17.92
C MET E 71 16.85 19.37 -18.55
N VAL E 72 16.67 20.40 -17.74
CA VAL E 72 16.11 21.66 -18.23
C VAL E 72 17.12 22.80 -18.13
N SER E 73 18.33 22.48 -17.67
CA SER E 73 19.37 23.46 -17.43
C SER E 73 20.14 23.85 -18.68
N GLY E 74 19.82 23.21 -19.80
CA GLY E 74 20.47 23.50 -21.07
C GLY E 74 19.70 22.80 -22.17
N PRO E 75 20.19 22.87 -23.43
CA PRO E 75 19.47 22.24 -24.53
C PRO E 75 19.48 20.70 -24.45
N ILE E 76 18.51 20.10 -25.14
CA ILE E 76 18.56 18.68 -25.40
C ILE E 76 18.07 18.45 -26.82
N ILE E 77 18.44 17.31 -27.38
CA ILE E 77 17.95 16.87 -28.69
C ILE E 77 17.23 15.53 -28.50
N SER E 78 16.06 15.41 -29.13
CA SER E 78 15.31 14.16 -29.09
C SER E 78 15.40 13.55 -30.47
N ILE E 79 15.78 12.28 -30.53
CA ILE E 79 15.97 11.61 -31.81
C ILE E 79 15.25 10.29 -31.80
N VAL E 80 14.61 9.97 -32.92
CA VAL E 80 14.13 8.63 -33.13
C VAL E 80 15.07 7.94 -34.12
N TYR E 81 15.59 6.79 -33.72
CA TYR E 81 16.54 6.05 -34.53
C TYR E 81 15.93 4.74 -34.99
N GLU E 82 16.28 4.31 -36.20
CA GLU E 82 15.72 3.09 -36.76
C GLU E 82 16.82 2.16 -37.22
N GLY E 83 16.62 0.86 -37.04
CA GLY E 83 17.58 -0.12 -37.51
C GLY E 83 17.38 -1.47 -36.86
N THR E 84 18.10 -2.46 -37.35
CA THR E 84 17.99 -3.81 -36.83
C THR E 84 18.29 -3.83 -35.34
N ASP E 85 17.33 -4.29 -34.54
CA ASP E 85 17.58 -4.50 -33.13
C ASP E 85 17.94 -3.17 -32.44
N ALA E 86 17.34 -2.07 -32.89
CA ALA E 86 17.76 -0.72 -32.48
C ALA E 86 17.75 -0.45 -30.97
N ILE E 87 16.67 -0.83 -30.29
CA ILE E 87 16.55 -0.55 -28.86
C ILE E 87 17.69 -1.17 -28.07
N SER E 88 17.94 -2.44 -28.29
CA SER E 88 19.01 -3.12 -27.57
C SER E 88 20.40 -2.64 -27.96
N LYS E 89 20.66 -2.46 -29.25
CA LYS E 89 21.99 -2.05 -29.70
C LYS E 89 22.37 -0.63 -29.25
N ILE E 90 21.43 0.31 -29.37
CA ILE E 90 21.70 1.68 -28.95
C ILE E 90 21.88 1.77 -27.43
N ARG E 91 21.17 0.92 -26.69
CA ARG E 91 21.39 0.76 -25.26
C ARG E 91 22.83 0.31 -24.92
N ARG E 92 23.32 -0.69 -25.64
CA ARG E 92 24.69 -1.16 -25.45
C ARG E 92 25.68 -0.05 -25.81
N LEU E 93 25.37 0.66 -26.89
CA LEU E 93 26.17 1.78 -27.37
C LEU E 93 26.26 2.85 -26.29
N GLN E 94 25.13 3.10 -25.62
CA GLN E 94 25.07 4.05 -24.51
C GLN E 94 25.93 3.60 -23.34
N GLY E 95 25.78 2.34 -22.95
CA GLY E 95 26.62 1.74 -21.93
C GLY E 95 26.44 2.30 -20.52
N ASN E 96 27.53 2.30 -19.77
CA ASN E 96 27.55 2.79 -18.40
C ASN E 96 28.89 3.45 -18.15
N ILE E 97 29.00 4.25 -17.10
CA ILE E 97 30.21 5.02 -16.84
C ILE E 97 31.39 4.17 -16.38
N LEU E 98 31.17 2.89 -16.12
CA LEU E 98 32.27 2.02 -15.68
C LEU E 98 33.08 1.50 -16.85
N THR E 99 32.42 0.85 -17.81
CA THR E 99 33.14 0.12 -18.87
C THR E 99 33.38 0.89 -20.17
N PRO E 100 34.66 1.02 -20.57
CA PRO E 100 35.06 1.77 -21.77
C PRO E 100 34.57 1.10 -23.04
N GLY E 101 34.66 1.82 -24.15
CA GLY E 101 34.12 1.34 -25.40
C GLY E 101 32.76 1.93 -25.73
N THR E 102 32.05 2.43 -24.73
CA THR E 102 30.73 3.02 -24.97
C THR E 102 30.73 4.55 -24.87
N ILE E 103 29.60 5.16 -25.20
CA ILE E 103 29.44 6.60 -25.04
C ILE E 103 29.69 7.01 -23.59
N ARG E 104 28.92 6.45 -22.67
CA ARG E 104 29.08 6.76 -21.25
C ARG E 104 30.42 6.29 -20.71
N GLY E 105 30.90 5.14 -21.19
CA GLY E 105 32.14 4.58 -20.71
C GLY E 105 33.38 5.40 -21.04
N ASP E 106 33.33 6.08 -22.20
CA ASP E 106 34.46 6.86 -22.69
C ASP E 106 34.35 8.32 -22.30
N LEU E 107 33.13 8.83 -22.21
CA LEU E 107 32.91 10.27 -22.14
C LEU E 107 32.23 10.79 -20.88
N ALA E 108 31.77 9.91 -20.00
CA ALA E 108 31.01 10.35 -18.84
C ALA E 108 31.55 9.82 -17.53
N ASN E 109 31.19 10.48 -16.43
CA ASN E 109 31.66 10.09 -15.11
C ASN E 109 30.75 10.61 -13.99
N ASP E 110 29.46 10.63 -14.23
CA ASP E 110 28.53 11.07 -13.21
C ASP E 110 27.26 10.23 -13.23
N ILE E 111 26.66 10.03 -12.07
CA ILE E 111 25.43 9.26 -11.98
C ILE E 111 24.24 10.01 -12.58
N ARG E 112 24.29 11.35 -12.54
CA ARG E 112 23.25 12.18 -13.15
C ARG E 112 23.60 12.72 -14.53
N GLU E 113 24.82 13.25 -14.68
CA GLU E 113 25.21 13.83 -15.97
C GLU E 113 25.94 12.82 -16.86
N ASN E 114 25.17 12.13 -17.70
CA ASN E 114 25.71 11.04 -18.51
C ASN E 114 25.38 11.13 -19.99
N LEU E 115 25.19 12.35 -20.49
CA LEU E 115 25.23 12.65 -21.91
C LEU E 115 24.01 12.20 -22.72
N ILE E 116 23.51 11.00 -22.44
CA ILE E 116 22.53 10.39 -23.31
C ILE E 116 21.47 9.55 -22.59
N HIS E 117 20.27 9.56 -23.15
CA HIS E 117 19.27 8.58 -22.75
C HIS E 117 18.95 7.73 -23.96
N ALA E 118 18.71 6.45 -23.71
CA ALA E 118 18.22 5.56 -24.75
C ALA E 118 17.14 4.68 -24.13
N SER E 119 16.05 4.49 -24.87
CA SER E 119 14.97 3.64 -24.39
C SER E 119 15.52 2.25 -24.11
N ASP E 120 14.94 1.56 -23.15
CA ASP E 120 15.46 0.26 -22.74
C ASP E 120 14.54 -0.94 -23.01
N SER E 121 13.44 -0.73 -23.72
CA SER E 121 12.50 -1.81 -24.00
C SER E 121 11.49 -1.40 -25.06
N GLU E 122 10.82 -2.37 -25.66
CA GLU E 122 9.87 -2.05 -26.72
C GLU E 122 8.75 -1.16 -26.19
N ASP E 123 8.41 -1.32 -24.91
CA ASP E 123 7.34 -0.54 -24.33
C ASP E 123 7.75 0.90 -24.01
N SER E 124 8.85 1.07 -23.28
CA SER E 124 9.33 2.41 -22.96
C SER E 124 9.62 3.17 -24.25
N ALA E 125 9.94 2.45 -25.32
CA ALA E 125 10.26 3.07 -26.59
C ALA E 125 9.04 3.67 -27.32
N VAL E 126 7.90 2.99 -27.30
CA VAL E 126 6.72 3.52 -27.94
C VAL E 126 6.23 4.72 -27.15
N ASP E 127 6.27 4.57 -25.83
CA ASP E 127 5.86 5.62 -24.91
C ASP E 127 6.69 6.88 -25.14
N GLU E 128 8.00 6.75 -24.97
CA GLU E 128 8.94 7.86 -25.15
C GLU E 128 8.88 8.50 -26.54
N ILE E 129 8.71 7.69 -27.58
CA ILE E 129 8.57 8.24 -28.92
C ILE E 129 7.30 9.08 -29.07
N SER E 130 6.32 8.84 -28.20
CA SER E 130 5.04 9.56 -28.28
C SER E 130 5.08 10.85 -27.47
N ILE E 131 5.78 10.83 -26.34
CA ILE E 131 5.99 12.04 -25.56
C ILE E 131 6.67 13.12 -26.38
N TRP E 132 7.77 12.75 -27.03
CA TRP E 132 8.61 13.70 -27.75
C TRP E 132 8.16 13.92 -29.18
N PHE E 133 7.44 12.95 -29.73
CA PHE E 133 6.95 13.06 -31.09
C PHE E 133 5.51 12.61 -31.17
N PRO E 134 4.59 13.47 -30.69
CA PRO E 134 3.17 13.14 -30.62
C PRO E 134 2.62 12.85 -32.01
N GLU E 135 3.00 13.67 -32.98
CA GLU E 135 2.53 13.48 -34.34
C GLU E 135 2.66 12.02 -34.77
N GLY F 5 -18.72 17.28 22.06
CA GLY F 5 -19.84 16.37 22.28
C GLY F 5 -20.17 15.47 21.10
N LEU F 6 -20.34 16.09 19.93
CA LEU F 6 -20.95 15.45 18.75
C LEU F 6 -20.07 14.44 18.01
N GLN F 7 -20.37 13.14 18.14
CA GLN F 7 -19.58 12.11 17.46
C GLN F 7 -20.27 11.43 16.28
N ARG F 8 -19.49 10.64 15.56
CA ARG F 8 -19.99 9.75 14.54
C ARG F 8 -19.56 8.34 14.87
N THR F 9 -20.45 7.37 14.70
CA THR F 9 -20.14 5.98 14.96
C THR F 9 -20.64 5.08 13.83
N LEU F 10 -20.02 3.91 13.69
CA LEU F 10 -20.42 3.01 12.64
C LEU F 10 -21.30 1.90 13.16
N VAL F 11 -22.44 1.70 12.49
CA VAL F 11 -23.33 0.59 12.83
C VAL F 11 -23.45 -0.32 11.62
N LEU F 12 -23.51 -1.62 11.87
CA LEU F 12 -23.87 -2.57 10.82
C LEU F 12 -25.15 -3.26 11.24
N ILE F 13 -26.15 -3.29 10.38
CA ILE F 13 -27.29 -4.18 10.61
C ILE F 13 -26.98 -5.56 10.04
N LYS F 14 -26.87 -6.57 10.90
CA LYS F 14 -26.42 -7.89 10.49
C LYS F 14 -27.52 -8.72 9.81
N PRO F 15 -27.13 -9.74 9.03
CA PRO F 15 -28.08 -10.52 8.23
C PRO F 15 -29.23 -11.16 9.02
N ASP F 16 -29.03 -11.48 10.28
CA ASP F 16 -30.13 -12.03 11.06
C ASP F 16 -31.28 -11.02 11.23
N ALA F 17 -30.97 -9.74 11.30
CA ALA F 17 -32.01 -8.72 11.37
C ALA F 17 -32.90 -8.77 10.13
N PHE F 18 -32.30 -9.01 8.97
CA PHE F 18 -33.07 -9.11 7.74
C PHE F 18 -33.94 -10.36 7.74
N GLU F 19 -33.36 -11.47 8.18
CA GLU F 19 -34.05 -12.75 8.14
C GLU F 19 -35.25 -12.74 9.11
N ARG F 20 -35.07 -12.13 10.27
CA ARG F 20 -36.15 -12.06 11.24
C ARG F 20 -36.98 -10.79 11.07
N SER F 21 -36.79 -10.07 9.98
CA SER F 21 -37.52 -8.82 9.72
C SER F 21 -37.47 -7.79 10.86
N LEU F 22 -36.30 -7.65 11.49
CA LEU F 22 -36.12 -6.72 12.60
C LEU F 22 -35.35 -5.45 12.22
N VAL F 23 -35.28 -5.14 10.93
CA VAL F 23 -34.48 -3.98 10.50
C VAL F 23 -35.05 -2.64 10.97
N ALA F 24 -36.33 -2.39 10.72
CA ALA F 24 -36.91 -1.11 11.11
C ALA F 24 -36.90 -0.98 12.62
N GLU F 25 -37.11 -2.10 13.29
CA GLU F 25 -37.23 -2.14 14.74
C GLU F 25 -35.94 -1.69 15.40
N ILE F 26 -34.82 -2.09 14.83
CA ILE F 26 -33.50 -1.78 15.37
C ILE F 26 -33.13 -0.35 15.07
N MET F 27 -33.31 0.06 13.81
CA MET F 27 -33.00 1.41 13.40
C MET F 27 -33.88 2.40 14.14
N GLY F 28 -35.10 1.97 14.47
CA GLY F 28 -36.06 2.84 15.15
C GLY F 28 -35.63 3.16 16.56
N ARG F 29 -35.00 2.19 17.22
CA ARG F 29 -34.54 2.43 18.59
C ARG F 29 -33.46 3.49 18.59
N ILE F 30 -32.59 3.45 17.58
CA ILE F 30 -31.52 4.42 17.52
C ILE F 30 -32.10 5.80 17.13
N GLU F 31 -33.05 5.78 16.19
CA GLU F 31 -33.74 6.99 15.75
C GLU F 31 -34.49 7.67 16.90
N LYS F 32 -35.20 6.87 17.71
CA LYS F 32 -35.95 7.42 18.83
C LYS F 32 -35.04 8.05 19.89
N LYS F 33 -33.78 7.61 19.96
CA LYS F 33 -32.84 8.22 20.90
C LYS F 33 -32.23 9.49 20.29
N ASN F 34 -32.75 9.89 19.13
CA ASN F 34 -32.42 11.17 18.50
C ASN F 34 -31.09 11.23 17.74
N PHE F 35 -30.47 10.07 17.49
CA PHE F 35 -29.31 10.01 16.60
C PHE F 35 -29.72 10.05 15.13
N LYS F 36 -28.95 10.75 14.31
CA LYS F 36 -29.31 10.96 12.90
C LYS F 36 -28.45 10.11 11.95
N ILE F 37 -29.06 9.65 10.88
CA ILE F 37 -28.31 8.98 9.83
C ILE F 37 -27.52 9.98 9.01
N VAL F 38 -26.24 9.70 8.84
CA VAL F 38 -25.38 10.63 8.12
C VAL F 38 -24.76 10.01 6.88
N SER F 39 -24.58 8.69 6.92
CA SER F 39 -24.25 7.92 5.72
C SER F 39 -24.91 6.55 5.85
N MET F 40 -25.26 5.96 4.70
CA MET F 40 -25.89 4.65 4.70
C MET F 40 -25.78 3.94 3.35
N LYS F 41 -25.36 2.68 3.40
CA LYS F 41 -25.31 1.81 2.22
C LYS F 41 -26.01 0.49 2.52
N PHE F 42 -26.71 -0.04 1.53
CA PHE F 42 -27.28 -1.38 1.63
C PHE F 42 -26.47 -2.34 0.75
N TRP F 43 -26.13 -3.50 1.32
CA TRP F 43 -25.41 -4.52 0.59
C TRP F 43 -26.21 -5.82 0.60
N SER F 44 -26.65 -6.30 -0.55
CA SER F 44 -27.34 -7.59 -0.60
C SER F 44 -26.39 -8.70 -0.19
N LYS F 45 -25.13 -8.57 -0.58
CA LYS F 45 -24.05 -9.39 -0.03
C LYS F 45 -22.74 -8.60 0.08
N ALA F 46 -22.34 -8.25 1.29
CA ALA F 46 -21.12 -7.47 1.47
C ALA F 46 -19.93 -8.24 0.98
N PRO F 47 -19.02 -7.57 0.25
CA PRO F 47 -17.74 -8.16 -0.16
C PRO F 47 -17.04 -8.76 1.04
N ARG F 48 -16.63 -10.01 0.94
CA ARG F 48 -15.97 -10.67 2.06
C ARG F 48 -14.77 -9.87 2.56
N ASN F 49 -14.12 -9.18 1.63
CA ASN F 49 -13.01 -8.30 1.96
C ASN F 49 -13.37 -7.29 3.03
N LEU F 50 -14.37 -6.47 2.76
CA LEU F 50 -14.89 -5.49 3.72
C LEU F 50 -15.20 -6.08 5.10
N ILE F 51 -15.78 -7.27 5.13
CA ILE F 51 -16.05 -7.94 6.40
C ILE F 51 -14.76 -8.34 7.11
N GLU F 52 -13.77 -8.76 6.33
CA GLU F 52 -12.49 -9.17 6.90
C GLU F 52 -11.74 -7.99 7.50
N GLN F 53 -11.73 -6.86 6.81
CA GLN F 53 -11.18 -5.64 7.39
C GLN F 53 -11.94 -5.37 8.69
N HIS F 54 -13.25 -5.16 8.55
CA HIS F 54 -14.09 -4.81 9.68
C HIS F 54 -13.77 -5.59 10.96
N TYR F 55 -13.64 -6.90 10.85
CA TYR F 55 -13.37 -7.73 12.02
C TYR F 55 -11.91 -8.19 12.13
N LYS F 56 -10.99 -7.42 11.54
CA LYS F 56 -9.56 -7.77 11.53
C LYS F 56 -9.01 -8.15 12.91
N GLU F 57 -9.34 -7.37 13.93
CA GLU F 57 -8.89 -7.68 15.29
C GLU F 57 -9.17 -9.12 15.69
N HIS F 58 -10.07 -9.77 14.96
CA HIS F 58 -10.53 -11.12 15.30
C HIS F 58 -9.95 -12.16 14.36
N SER F 59 -9.02 -11.76 13.50
CA SER F 59 -8.49 -12.64 12.46
C SER F 59 -7.86 -13.91 13.00
N GLU F 60 -7.64 -13.96 14.31
CA GLU F 60 -7.09 -15.15 14.94
C GLU F 60 -8.10 -15.93 15.77
N GLN F 61 -9.07 -15.23 16.35
CA GLN F 61 -10.08 -15.87 17.20
C GLN F 61 -10.66 -17.11 16.52
N SER F 62 -11.15 -18.04 17.32
CA SER F 62 -11.75 -19.27 16.79
C SER F 62 -13.00 -18.98 15.98
N TYR F 63 -13.75 -17.94 16.35
CA TYR F 63 -15.00 -17.64 15.67
C TYR F 63 -14.82 -17.01 14.28
N PHE F 64 -13.64 -16.45 14.02
CA PHE F 64 -13.43 -15.59 12.85
C PHE F 64 -14.02 -16.06 11.52
N ASN F 65 -13.82 -17.31 11.16
CA ASN F 65 -14.32 -17.79 9.87
C ASN F 65 -15.83 -17.91 9.85
N ASP F 66 -16.41 -18.40 10.94
CA ASP F 66 -17.85 -18.56 11.06
C ASP F 66 -18.54 -17.21 11.06
N LEU F 67 -17.96 -16.27 11.81
CA LEU F 67 -18.48 -14.92 11.86
C LEU F 67 -18.50 -14.35 10.43
N CYS F 68 -17.37 -14.37 9.76
CA CYS F 68 -17.28 -13.85 8.40
C CYS F 68 -18.33 -14.45 7.47
N ASP F 69 -18.49 -15.78 7.53
CA ASP F 69 -19.52 -16.46 6.74
C ASP F 69 -20.91 -15.93 7.03
N PHE F 70 -21.24 -15.80 8.32
CA PHE F 70 -22.54 -15.32 8.74
C PHE F 70 -22.77 -13.90 8.22
N MET F 71 -21.76 -13.04 8.35
CA MET F 71 -21.84 -11.65 7.90
C MET F 71 -22.08 -11.51 6.40
N VAL F 72 -21.86 -12.61 5.68
CA VAL F 72 -22.00 -12.62 4.23
C VAL F 72 -23.19 -13.48 3.75
N SER F 73 -23.90 -14.08 4.71
CA SER F 73 -24.97 -15.03 4.40
C SER F 73 -26.29 -14.35 4.08
N GLY F 74 -26.31 -13.01 4.11
CA GLY F 74 -27.51 -12.25 3.83
C GLY F 74 -27.18 -10.78 3.69
N PRO F 75 -28.21 -9.96 3.48
CA PRO F 75 -27.92 -8.53 3.28
C PRO F 75 -27.36 -7.85 4.53
N ILE F 76 -26.85 -6.65 4.31
CA ILE F 76 -26.25 -5.89 5.39
C ILE F 76 -26.45 -4.39 5.15
N ILE F 77 -26.72 -3.65 6.21
CA ILE F 77 -26.71 -2.21 6.11
C ILE F 77 -25.56 -1.62 6.93
N SER F 78 -24.82 -0.71 6.31
CA SER F 78 -23.79 0.05 7.02
C SER F 78 -24.29 1.48 7.20
N ILE F 79 -24.24 1.95 8.45
CA ILE F 79 -24.75 3.27 8.78
C ILE F 79 -23.72 4.04 9.58
N VAL F 80 -23.51 5.30 9.22
CA VAL F 80 -22.82 6.22 10.09
C VAL F 80 -23.87 7.07 10.81
N TYR F 81 -23.91 6.96 12.12
CA TYR F 81 -24.83 7.75 12.94
C TYR F 81 -24.13 8.93 13.61
N GLU F 82 -24.85 10.03 13.77
CA GLU F 82 -24.30 11.25 14.39
C GLU F 82 -25.16 11.80 15.53
N GLY F 83 -24.52 12.12 16.65
CA GLY F 83 -25.19 12.71 17.78
C GLY F 83 -24.27 12.84 18.98
N THR F 84 -24.76 13.45 20.04
CA THR F 84 -23.99 13.65 21.26
C THR F 84 -23.63 12.29 21.84
N ASP F 85 -22.34 12.07 22.09
CA ASP F 85 -21.88 10.82 22.70
C ASP F 85 -22.30 9.59 21.86
N ALA F 86 -22.48 9.80 20.57
CA ALA F 86 -22.99 8.74 19.69
C ALA F 86 -22.34 7.38 19.93
N ILE F 87 -21.01 7.34 19.89
CA ILE F 87 -20.26 6.09 20.00
C ILE F 87 -20.67 5.29 21.22
N SER F 88 -20.49 5.89 22.38
CA SER F 88 -20.85 5.26 23.64
C SER F 88 -22.35 4.96 23.81
N LYS F 89 -23.21 5.91 23.43
CA LYS F 89 -24.65 5.77 23.63
C LYS F 89 -25.27 4.69 22.76
N ILE F 90 -24.78 4.59 21.54
CA ILE F 90 -25.30 3.59 20.62
C ILE F 90 -24.76 2.22 21.01
N ARG F 91 -23.48 2.20 21.42
CA ARG F 91 -22.92 1.01 22.02
C ARG F 91 -23.83 0.53 23.14
N ARG F 92 -24.30 1.48 23.95
CA ARG F 92 -25.15 1.15 25.08
C ARG F 92 -26.52 0.65 24.62
N LEU F 93 -27.09 1.33 23.62
CA LEU F 93 -28.29 0.85 22.94
C LEU F 93 -28.15 -0.59 22.45
N GLN F 94 -27.04 -0.87 21.79
CA GLN F 94 -26.75 -2.22 21.31
C GLN F 94 -26.79 -3.18 22.48
N GLY F 95 -26.04 -2.83 23.51
CA GLY F 95 -26.06 -3.61 24.74
C GLY F 95 -25.59 -5.04 24.51
N ASN F 96 -26.12 -5.97 25.29
CA ASN F 96 -25.75 -7.34 25.11
C ASN F 96 -26.92 -8.24 25.41
N ILE F 97 -26.69 -9.54 25.27
CA ILE F 97 -27.74 -10.54 25.25
C ILE F 97 -28.29 -10.81 26.66
N LEU F 98 -27.65 -10.25 27.66
CA LEU F 98 -28.06 -10.46 29.04
C LEU F 98 -28.90 -9.31 29.58
N THR F 99 -28.72 -8.12 28.99
CA THR F 99 -29.29 -6.89 29.53
C THR F 99 -30.58 -6.48 28.82
N PRO F 100 -31.74 -6.73 29.43
CA PRO F 100 -33.00 -6.27 28.83
C PRO F 100 -33.07 -4.74 28.73
N GLY F 101 -33.85 -4.26 27.77
CA GLY F 101 -33.94 -2.83 27.49
C GLY F 101 -33.08 -2.42 26.32
N THR F 102 -32.03 -3.18 26.05
CA THR F 102 -31.17 -2.92 24.88
C THR F 102 -31.64 -3.70 23.65
N ILE F 103 -31.02 -3.42 22.51
CA ILE F 103 -31.37 -4.09 21.26
C ILE F 103 -31.09 -5.59 21.35
N ARG F 104 -29.88 -5.95 21.74
CA ARG F 104 -29.53 -7.36 21.91
C ARG F 104 -30.30 -7.98 23.07
N GLY F 105 -30.55 -7.19 24.10
CA GLY F 105 -31.24 -7.68 25.28
C GLY F 105 -32.65 -8.14 24.97
N ASP F 106 -33.36 -7.40 24.16
CA ASP F 106 -34.78 -7.66 23.93
C ASP F 106 -35.03 -8.58 22.71
N LEU F 107 -34.09 -8.60 21.77
CA LEU F 107 -34.38 -9.21 20.48
C LEU F 107 -33.44 -10.35 20.05
N ALA F 108 -32.26 -10.46 20.66
CA ALA F 108 -31.30 -11.49 20.25
C ALA F 108 -30.97 -12.50 21.34
N ASN F 109 -30.38 -13.63 20.94
CA ASN F 109 -30.09 -14.73 21.87
C ASN F 109 -28.97 -15.67 21.44
N ASP F 110 -27.80 -15.12 21.10
CA ASP F 110 -26.73 -15.91 20.49
C ASP F 110 -25.43 -15.10 20.46
N ILE F 111 -24.29 -15.76 20.65
CA ILE F 111 -23.01 -15.04 20.63
C ILE F 111 -22.66 -14.54 19.24
N ARG F 112 -23.15 -15.20 18.21
CA ARG F 112 -22.83 -14.79 16.86
C ARG F 112 -23.94 -13.97 16.22
N GLU F 113 -25.12 -14.55 16.11
CA GLU F 113 -26.23 -13.86 15.47
C GLU F 113 -26.93 -12.90 16.43
N ASN F 114 -26.37 -11.69 16.51
CA ASN F 114 -26.87 -10.70 17.47
C ASN F 114 -27.28 -9.34 16.88
N LEU F 115 -27.75 -9.36 15.62
CA LEU F 115 -28.52 -8.28 15.01
C LEU F 115 -27.76 -7.02 14.56
N ILE F 116 -26.83 -6.54 15.37
CA ILE F 116 -26.21 -5.25 15.10
C ILE F 116 -24.76 -5.14 15.57
N HIS F 117 -23.97 -4.33 14.89
CA HIS F 117 -22.65 -3.96 15.38
C HIS F 117 -22.52 -2.45 15.58
N ALA F 118 -21.89 -2.05 16.69
CA ALA F 118 -21.60 -0.63 16.94
C ALA F 118 -20.15 -0.42 17.36
N SER F 119 -19.49 0.58 16.78
CA SER F 119 -18.11 0.86 17.18
C SER F 119 -18.02 1.06 18.69
N ASP F 120 -16.93 0.60 19.28
CA ASP F 120 -16.83 0.64 20.73
C ASP F 120 -15.78 1.62 21.25
N SER F 121 -15.21 2.42 20.35
CA SER F 121 -14.16 3.37 20.71
C SER F 121 -14.07 4.42 19.64
N GLU F 122 -13.32 5.49 19.91
CA GLU F 122 -13.14 6.53 18.91
C GLU F 122 -12.22 6.03 17.82
N ASP F 123 -11.30 5.14 18.20
CA ASP F 123 -10.40 4.53 17.24
C ASP F 123 -11.15 3.64 16.27
N SER F 124 -12.00 2.78 16.81
CA SER F 124 -12.84 1.88 16.02
C SER F 124 -13.66 2.70 15.03
N ALA F 125 -14.39 3.68 15.55
CA ALA F 125 -15.34 4.43 14.74
C ALA F 125 -14.69 5.01 13.51
N VAL F 126 -13.51 5.59 13.69
CA VAL F 126 -12.79 6.25 12.60
C VAL F 126 -12.35 5.22 11.56
N ASP F 127 -11.84 4.11 12.05
CA ASP F 127 -11.32 3.02 11.24
C ASP F 127 -12.48 2.36 10.49
N GLU F 128 -13.53 2.01 11.21
CA GLU F 128 -14.69 1.34 10.63
C GLU F 128 -15.44 2.22 9.62
N ILE F 129 -15.53 3.51 9.89
CA ILE F 129 -16.17 4.42 8.94
C ILE F 129 -15.39 4.48 7.60
N SER F 130 -14.07 4.36 7.67
CA SER F 130 -13.26 4.43 6.45
C SER F 130 -13.36 3.13 5.65
N ILE F 131 -13.49 2.01 6.36
CA ILE F 131 -13.71 0.73 5.70
C ILE F 131 -15.02 0.73 4.89
N TRP F 132 -16.11 1.17 5.52
CA TRP F 132 -17.42 1.10 4.88
C TRP F 132 -17.77 2.33 4.04
N PHE F 133 -17.14 3.46 4.34
CA PHE F 133 -17.39 4.69 3.61
C PHE F 133 -16.07 5.44 3.38
N PRO F 134 -15.36 5.15 2.28
CA PRO F 134 -14.06 5.80 2.10
C PRO F 134 -14.17 7.10 1.28
MG MG G . 48.97 -3.93 -10.60
N1 UDP H . 55.48 -6.22 -16.27
C2 UDP H . 56.42 -6.94 -17.02
N3 UDP H . 56.33 -8.30 -17.12
C4 UDP H . 55.32 -8.97 -16.50
C5 UDP H . 54.38 -8.26 -15.76
C6 UDP H . 54.60 -6.90 -15.50
O2 UDP H . 57.36 -6.39 -17.61
O4 UDP H . 55.28 -10.20 -16.62
C1' UDP H . 55.58 -4.75 -16.16
C2' UDP H . 54.42 -4.11 -16.93
O2' UDP H . 54.83 -2.92 -17.56
C3' UDP H . 53.40 -3.81 -15.84
C4' UDP H . 54.25 -3.64 -14.59
O4' UDP H . 55.45 -4.35 -14.81
O3' UDP H . 52.65 -2.66 -16.12
C5' UDP H . 53.53 -4.12 -13.33
O5' UDP H . 52.98 -5.41 -13.50
PA UDP H . 51.40 -5.58 -13.27
O1A UDP H . 51.01 -5.04 -11.93
O2A UDP H . 50.99 -6.99 -13.49
O3A UDP H . 50.81 -4.66 -14.44
PB UDP H . 49.73 -3.48 -14.22
O1B UDP H . 48.48 -3.92 -14.87
O2B UDP H . 50.30 -2.22 -14.78
O3B UDP H . 49.45 -3.25 -12.79
MG MG I . -40.18 -18.20 42.63
N1 UDP J . -46.03 -13.18 46.22
C2 UDP J . -46.93 -12.62 47.10
N3 UDP J . -46.48 -11.96 48.23
C4 UDP J . -45.12 -11.86 48.47
C5 UDP J . -44.21 -12.42 47.57
C6 UDP J . -44.69 -13.18 46.51
O2 UDP J . -48.15 -12.71 46.89
O4 UDP J . -44.72 -11.27 49.47
C1' UDP J . -46.55 -13.89 45.02
C2' UDP J . -46.17 -13.20 43.73
O2' UDP J . -47.20 -13.39 42.78
C3' UDP J . -44.93 -13.94 43.28
C4' UDP J . -45.15 -15.35 43.85
O4' UDP J . -46.02 -15.21 44.95
O3' UDP J . -44.87 -13.99 41.86
C5' UDP J . -43.87 -16.08 44.27
O5' UDP J . -43.07 -15.32 45.14
PA UDP J . -41.54 -15.09 44.69
O1A UDP J . -40.89 -16.42 44.58
O2A UDP J . -40.84 -14.17 45.62
O3A UDP J . -41.84 -14.44 43.25
PB UDP J . -41.02 -14.72 41.88
O1B UDP J . -40.47 -13.42 41.42
O2B UDP J . -41.95 -15.33 40.91
O3B UDP J . -39.88 -15.63 42.11
MG MG K . 34.16 -18.96 -36.87
N1 UDP L . 27.44 -15.66 -41.76
C2 UDP L . 26.23 -15.59 -42.42
N3 UDP L . 25.07 -16.06 -41.83
C4 UDP L . 25.12 -16.62 -40.58
C5 UDP L . 26.35 -16.71 -39.91
C6 UDP L . 27.51 -16.40 -40.61
O2 UDP L . 26.18 -15.09 -43.54
O4 UDP L . 24.07 -17.04 -40.07
C1' UDP L . 28.65 -15.12 -42.43
C2' UDP L . 29.30 -13.98 -41.65
O2' UDP L . 29.94 -13.11 -42.55
C3' UDP L . 30.33 -14.69 -40.79
C4' UDP L . 30.62 -15.99 -41.53
O4' UDP L . 29.67 -16.11 -42.57
O3' UDP L . 31.47 -13.88 -40.58
C5' UDP L . 30.32 -17.19 -40.65
O5' UDP L . 31.38 -17.61 -39.84
PA UDP L . 31.19 -17.44 -38.27
O1A UDP L . 32.12 -18.36 -37.58
O2A UDP L . 29.77 -17.66 -37.91
O3A UDP L . 31.54 -15.87 -38.05
PB UDP L . 33.01 -15.35 -37.61
O1B UDP L . 32.86 -14.57 -36.36
O2B UDP L . 33.59 -14.60 -38.75
O3B UDP L . 33.89 -16.51 -37.30
MG MG M . -32.32 15.81 41.31
N1 UDP N . -29.94 20.39 33.62
C2 UDP N . -29.24 21.11 32.67
N3 UDP N . -27.86 21.10 32.67
C4 UDP N . -27.17 20.37 33.60
C5 UDP N . -27.88 19.64 34.56
C6 UDP N . -29.26 19.76 34.62
O2 UDP N . -29.84 21.78 31.84
O4 UDP N . -25.94 20.36 33.60
C1' UDP N . -31.42 20.44 33.58
C2' UDP N . -32.00 19.08 33.23
O2' UDP N . -33.21 19.25 32.51
C3' UDP N . -32.26 18.44 34.58
C4' UDP N . -32.38 19.61 35.54
O4' UDP N . -31.94 20.78 34.86
O3' UDP N . -33.44 17.65 34.55
C5' UDP N . -31.41 19.47 36.71
O5' UDP N . -31.85 18.54 37.67
PA UDP N . -30.95 17.25 37.97
O1A UDP N . -31.17 16.81 39.36
O2A UDP N . -29.55 17.56 37.63
O3A UDP N . -31.55 16.22 36.88
PB UDP N . -32.75 15.19 37.26
O1B UDP N . -32.30 13.81 36.96
O2B UDP N . -33.93 15.58 36.46
O3B UDP N . -33.08 15.32 38.69
MG MG O . 16.39 3.03 -17.41
N1 UDP P . 19.96 9.74 -12.24
C2 UDP P . 20.33 10.60 -11.21
N3 UDP P . 20.67 10.10 -9.96
C4 UDP P . 20.64 8.75 -9.74
C5 UDP P . 20.28 7.88 -10.78
C6 UDP P . 19.79 8.41 -11.96
O2 UDP P . 20.34 11.81 -11.41
O4 UDP P . 20.93 8.30 -8.63
C1' UDP P . 19.62 10.30 -13.56
C2' UDP P . 20.59 9.76 -14.61
O2' UDP P . 20.92 10.78 -15.53
C3' UDP P . 19.83 8.64 -15.29
C4' UDP P . 18.36 8.85 -14.92
O4' UDP P . 18.32 9.91 -13.98
O3' UDP P . 20.04 8.68 -16.69
C5' UDP P . 17.73 7.65 -14.22
O5' UDP P . 17.47 6.53 -15.03
PA UDP P . 18.34 5.18 -14.80
O1A UDP P . 17.62 3.96 -15.21
O2A UDP P . 18.77 5.15 -13.38
O3A UDP P . 19.59 5.51 -15.77
PB UDP P . 19.74 4.88 -17.25
O1B UDP P . 21.12 4.37 -17.41
O2B UDP P . 19.38 5.91 -18.26
O3B UDP P . 18.86 3.70 -17.42
MG MG Q . -15.75 -5.20 20.39
N1 UDP R . -18.86 -13.48 17.77
C2 UDP R . -19.03 -14.82 17.48
N3 UDP R . -18.63 -15.80 18.38
C4 UDP R . -18.07 -15.42 19.59
C5 UDP R . -17.91 -14.07 19.87
C6 UDP R . -18.14 -13.13 18.88
O2 UDP R . -19.53 -15.15 16.40
O4 UDP R . -17.72 -16.28 20.41
C1' UDP R . -19.28 -12.46 16.80
C2' UDP R . -20.53 -11.71 17.24
O2' UDP R . -21.33 -11.43 16.11
C3' UDP R . -20.01 -10.41 17.80
C4' UDP R . -18.74 -10.20 17.00
O4' UDP R . -18.26 -11.50 16.68
O3' UDP R . -20.91 -9.34 17.60
C5' UDP R . -17.67 -9.38 17.71
O5' UDP R . -17.27 -9.99 18.92
PA UDP R . -17.36 -9.08 20.25
O1A UDP R . -16.50 -7.89 20.10
O2A UDP R . -17.01 -9.91 21.43
O3A UDP R . -18.92 -8.68 20.25
PB UDP R . -19.45 -7.15 20.38
O1B UDP R . -20.28 -7.07 21.59
O2B UDP R . -20.23 -6.81 19.16
O3B UDP R . -18.30 -6.23 20.52
#